data_1J78
#
_entry.id   1J78
#
_cell.length_a   132.248
_cell.length_b   132.248
_cell.length_c   73.179
_cell.angle_alpha   90.00
_cell.angle_beta   90.00
_cell.angle_gamma   90.00
#
_symmetry.space_group_name_H-M   'P 43'
#
loop_
_entity.id
_entity.type
_entity.pdbx_description
1 polymer 'vitamin D binding protein'
2 non-polymer 'OLEIC ACID'
3 non-polymer 3-{2-[1-(5-HYDROXY-1,5-DIMETHYL-HEXYL)-7A-METHYL-OCTAHYDRO-INDEN-4-YLIDENE]-ETHYLIDENE}-4-METHYLENE-CYCLOHEXANOL
4 water water
#
_entity_poly.entity_id   1
_entity_poly.type   'polypeptide(L)'
_entity_poly.pdbx_seq_one_letter_code
;LERGRDYEKNKVCKEFSHLGKEDFTSLSLVLYSRKFPSGTFEQVSQLVKEVVSLTEACCAEGADPDCYDTRTSALSAKSC
ESNSPFPVHPGTAECCTKEGLERKLCMAALKHQPQEFPTYVEPTNDEICEAFRKDPKEYANQFMWEYSTNYGQAPLSLLV
SYTKSYLSMVGSCCTSASPTVCFLKERLQLKHLSLLTTLSNRVCSQYAAYGEKKSRLSNLIKLAQKVPTADLEDVLPLAE
DITNILSKCCESASEDCMAKELPEHTVKLCDNLSTKNSKFEDCCQEKTAMDVFVCTYFMPAAQLPELPDVELPTNKDVCD
PGNTKVMDKYTFELSRRTHLPEVFLSKVLEPTLKSLGECCDVEDSTTCFNAKGPLLKKELSSFIDKGQELCADYSENTFT
EYKKKLAERLKAKLPDATPTELAKLVNKRSDFASNCCSINSPPLYCDSEIDAELKNIL
;
_entity_poly.pdbx_strand_id   A,B
#
loop_
_chem_comp.id
_chem_comp.type
_chem_comp.name
_chem_comp.formula
OLA non-polymer 'OLEIC ACID' 'C18 H34 O2'
VDY non-polymer 3-{2-[1-(5-HYDROXY-1,5-DIMETHYL-HEXYL)-7A-METHYL-OCTAHYDRO-INDEN-4-YLIDENE]-ETHYLIDENE}-4-METHYLENE-CYCLOHEXANOL 'C27 H44 O2'
#
# COMPACT_ATOMS: atom_id res chain seq x y z
N CYS A 13 4.81 -4.04 48.20
CA CYS A 13 5.79 -3.56 49.22
C CYS A 13 6.96 -4.51 49.40
N LYS A 14 6.68 -5.81 49.39
CA LYS A 14 7.71 -6.83 49.56
C LYS A 14 8.75 -6.79 48.44
N GLU A 15 8.31 -6.54 47.22
CA GLU A 15 9.23 -6.48 46.10
C GLU A 15 10.09 -5.23 46.10
N PHE A 16 9.51 -4.11 46.47
CA PHE A 16 10.22 -2.83 46.52
C PHE A 16 11.47 -2.91 47.39
N SER A 17 11.38 -3.63 48.49
CA SER A 17 12.51 -3.77 49.42
C SER A 17 13.55 -4.75 48.93
N HIS A 18 13.11 -5.94 48.50
CA HIS A 18 14.03 -6.97 48.04
C HIS A 18 14.71 -6.61 46.72
N LEU A 19 14.08 -5.75 45.93
CA LEU A 19 14.64 -5.34 44.64
C LEU A 19 15.43 -4.04 44.74
N GLY A 20 15.01 -3.15 45.63
CA GLY A 20 15.70 -1.88 45.77
C GLY A 20 14.90 -0.78 45.11
N LYS A 21 15.49 0.40 44.96
CA LYS A 21 14.80 1.52 44.35
C LYS A 21 14.92 1.52 42.83
N GLU A 22 16.14 1.74 42.34
CA GLU A 22 16.38 1.81 40.91
C GLU A 22 15.93 0.57 40.14
N ASP A 23 16.21 -0.62 40.69
CA ASP A 23 15.82 -1.86 40.02
C ASP A 23 14.31 -2.05 40.02
N PHE A 24 13.66 -1.72 41.13
CA PHE A 24 12.21 -1.85 41.22
C PHE A 24 11.58 -0.90 40.20
N THR A 25 12.24 0.22 39.97
CA THR A 25 11.73 1.21 39.02
C THR A 25 11.91 0.71 37.59
N SER A 26 12.97 -0.05 37.35
CA SER A 26 13.24 -0.60 36.02
C SER A 26 12.15 -1.61 35.69
N LEU A 27 11.90 -2.50 36.64
CA LEU A 27 10.90 -3.53 36.49
C LEU A 27 9.56 -2.89 36.15
N SER A 28 9.26 -1.81 36.87
CA SER A 28 8.00 -1.11 36.66
C SER A 28 7.87 -0.50 35.27
N LEU A 29 8.95 0.11 34.78
CA LEU A 29 8.93 0.72 33.45
C LEU A 29 8.55 -0.34 32.41
N VAL A 30 9.17 -1.52 32.51
CA VAL A 30 8.88 -2.63 31.60
C VAL A 30 7.44 -3.07 31.79
N LEU A 31 7.06 -3.20 33.05
CA LEU A 31 5.73 -3.63 33.44
C LEU A 31 4.64 -2.73 32.86
N TYR A 32 4.79 -1.41 33.05
CA TYR A 32 3.81 -0.48 32.55
C TYR A 32 3.90 -0.18 31.06
N SER A 33 5.04 -0.48 30.45
CA SER A 33 5.18 -0.25 29.02
C SER A 33 4.37 -1.31 28.30
N ARG A 34 4.30 -2.51 28.89
CA ARG A 34 3.54 -3.61 28.31
C ARG A 34 2.06 -3.27 28.38
N LYS A 35 1.65 -2.66 29.49
CA LYS A 35 0.26 -2.29 29.70
C LYS A 35 -0.24 -1.20 28.76
N PHE A 36 0.60 -0.20 28.49
CA PHE A 36 0.21 0.86 27.59
C PHE A 36 1.07 0.82 26.33
N PRO A 37 0.75 -0.08 25.40
CA PRO A 37 1.48 -0.23 24.14
C PRO A 37 1.49 1.06 23.32
N SER A 38 0.43 1.85 23.46
CA SER A 38 0.31 3.11 22.73
C SER A 38 0.86 4.31 23.50
N GLY A 39 1.24 4.10 24.75
CA GLY A 39 1.76 5.19 25.56
C GLY A 39 3.08 5.75 25.05
N THR A 40 3.32 7.03 25.33
CA THR A 40 4.55 7.69 24.91
C THR A 40 5.61 7.50 25.98
N PHE A 41 6.87 7.72 25.61
CA PHE A 41 7.95 7.57 26.54
C PHE A 41 7.71 8.44 27.78
N GLU A 42 7.37 9.71 27.54
CA GLU A 42 7.09 10.66 28.61
C GLU A 42 5.99 10.20 29.56
N GLN A 43 4.84 9.84 28.99
CA GLN A 43 3.70 9.40 29.77
C GLN A 43 4.01 8.19 30.66
N VAL A 44 4.50 7.12 30.05
CA VAL A 44 4.82 5.93 30.81
C VAL A 44 5.86 6.24 31.89
N SER A 45 6.87 7.02 31.54
CA SER A 45 7.92 7.37 32.51
C SER A 45 7.31 8.14 33.68
N GLN A 46 6.35 9.00 33.36
CA GLN A 46 5.65 9.82 34.36
C GLN A 46 4.82 8.94 35.30
N LEU A 47 4.08 8.00 34.72
CA LEU A 47 3.25 7.10 35.50
C LEU A 47 4.10 6.27 36.46
N VAL A 48 5.21 5.74 35.95
CA VAL A 48 6.10 4.93 36.76
C VAL A 48 6.72 5.81 37.84
N LYS A 49 7.03 7.05 37.48
CA LYS A 49 7.61 8.00 38.43
C LYS A 49 6.81 8.02 39.72
N GLU A 50 5.49 8.15 39.58
CA GLU A 50 4.60 8.23 40.73
C GLU A 50 4.09 6.92 41.30
N VAL A 51 4.20 5.82 40.54
CA VAL A 51 3.75 4.53 41.05
C VAL A 51 4.77 4.08 42.10
N VAL A 52 6.02 4.48 41.90
CA VAL A 52 7.08 4.14 42.84
C VAL A 52 6.96 5.07 44.04
N SER A 53 6.72 6.35 43.76
CA SER A 53 6.55 7.34 44.83
C SER A 53 5.50 6.81 45.78
N LEU A 54 4.55 6.07 45.24
CA LEU A 54 3.46 5.46 46.01
C LEU A 54 4.02 4.36 46.90
N THR A 55 4.54 3.31 46.26
CA THR A 55 5.10 2.17 46.99
C THR A 55 6.03 2.62 48.10
N GLU A 56 6.92 3.54 47.78
CA GLU A 56 7.88 4.06 48.75
C GLU A 56 7.19 4.61 50.00
N ALA A 57 6.37 5.62 49.83
CA ALA A 57 5.66 6.25 50.95
C ALA A 57 4.43 5.44 51.40
N CYS A 58 4.50 4.12 51.29
CA CYS A 58 3.41 3.25 51.71
C CYS A 58 3.96 1.86 52.04
N CYS A 59 5.26 1.81 52.33
CA CYS A 59 5.92 0.56 52.69
C CYS A 59 6.92 0.80 53.82
N TYR A 68 -3.86 2.32 51.96
CA TYR A 68 -2.94 3.32 51.36
C TYR A 68 -3.55 3.92 50.11
N ASP A 69 -4.87 3.77 49.96
CA ASP A 69 -5.59 4.29 48.82
C ASP A 69 -5.61 5.82 48.79
N THR A 70 -4.82 6.42 49.67
CA THR A 70 -4.73 7.87 49.74
C THR A 70 -3.96 8.35 48.51
N ARG A 71 -3.02 7.53 48.07
CA ARG A 71 -2.22 7.83 46.89
C ARG A 71 -2.73 7.03 45.70
N THR A 72 -3.22 5.81 45.97
CA THR A 72 -3.76 4.95 44.94
C THR A 72 -4.89 5.65 44.21
N SER A 73 -5.68 6.41 44.97
CA SER A 73 -6.81 7.15 44.40
C SER A 73 -6.33 8.40 43.67
N ALA A 74 -5.31 9.06 44.21
CA ALA A 74 -4.76 10.26 43.60
C ALA A 74 -4.26 9.93 42.20
N LEU A 75 -3.86 8.68 42.00
CA LEU A 75 -3.37 8.20 40.71
C LEU A 75 -4.52 8.05 39.73
N SER A 76 -5.48 7.20 40.06
CA SER A 76 -6.64 6.96 39.23
C SER A 76 -7.35 8.27 38.92
N ALA A 77 -7.40 9.16 39.90
CA ALA A 77 -8.06 10.45 39.75
C ALA A 77 -7.33 11.34 38.75
N LYS A 78 -6.10 11.71 39.08
CA LYS A 78 -5.28 12.56 38.23
C LYS A 78 -5.06 11.95 36.85
N SER A 79 -5.66 10.78 36.62
CA SER A 79 -5.52 10.09 35.35
C SER A 79 -6.55 10.51 34.31
N CYS A 80 -7.72 10.95 34.76
CA CYS A 80 -8.77 11.37 33.84
C CYS A 80 -8.63 12.82 33.41
N GLU A 81 -7.99 13.62 34.26
CA GLU A 81 -7.77 15.04 33.97
C GLU A 81 -7.49 15.22 32.48
N SER A 82 -8.36 15.94 31.79
CA SER A 82 -8.17 16.17 30.36
C SER A 82 -6.73 16.63 30.15
N ASN A 83 -6.04 16.02 29.18
CA ASN A 83 -4.65 16.36 28.91
C ASN A 83 -3.86 16.00 30.16
N SER A 84 -3.88 14.71 30.51
CA SER A 84 -3.18 14.21 31.69
C SER A 84 -1.79 13.69 31.36
N PRO A 85 -0.87 13.76 32.33
CA PRO A 85 0.51 13.29 32.18
C PRO A 85 0.59 11.80 31.82
N PHE A 86 -0.22 11.02 32.52
CA PHE A 86 -0.25 9.57 32.34
C PHE A 86 -0.80 9.07 31.00
N PRO A 87 -0.45 7.83 30.63
CA PRO A 87 -0.90 7.20 29.38
C PRO A 87 -2.37 6.84 29.57
N VAL A 88 -3.13 6.77 28.50
CA VAL A 88 -4.54 6.45 28.61
C VAL A 88 -5.00 5.20 27.85
N HIS A 89 -5.70 4.31 28.56
CA HIS A 89 -6.24 3.09 27.95
C HIS A 89 -7.48 3.50 27.17
N PRO A 90 -7.83 2.73 26.13
CA PRO A 90 -9.04 3.11 25.38
C PRO A 90 -10.25 2.84 26.26
N GLY A 91 -11.01 3.89 26.55
CA GLY A 91 -12.18 3.76 27.39
C GLY A 91 -11.97 4.45 28.74
N THR A 92 -10.75 4.91 28.98
CA THR A 92 -10.44 5.59 30.23
C THR A 92 -11.28 6.86 30.37
N ALA A 93 -11.03 7.81 29.48
CA ALA A 93 -11.77 9.08 29.51
C ALA A 93 -13.27 8.83 29.45
N GLU A 94 -13.66 7.68 28.91
CA GLU A 94 -15.06 7.32 28.79
C GLU A 94 -15.67 6.88 30.12
N CYS A 95 -15.35 5.66 30.55
CA CYS A 95 -15.89 5.15 31.80
C CYS A 95 -15.34 5.83 33.02
N CYS A 96 -14.60 6.93 32.83
CA CYS A 96 -14.09 7.62 34.00
C CYS A 96 -15.28 8.28 34.70
N THR A 97 -16.34 8.52 33.93
CA THR A 97 -17.54 9.13 34.45
C THR A 97 -17.95 8.52 35.80
N LYS A 98 -17.46 9.14 36.87
CA LYS A 98 -17.75 8.68 38.22
C LYS A 98 -17.45 9.82 39.20
N ARG A 103 -16.78 3.60 43.52
CA ARG A 103 -16.23 2.73 42.44
C ARG A 103 -15.17 3.46 41.62
N LYS A 104 -15.52 3.76 40.37
CA LYS A 104 -14.64 4.46 39.43
C LYS A 104 -13.46 3.60 39.01
N LEU A 105 -13.40 2.38 39.52
CA LEU A 105 -12.32 1.47 39.18
C LEU A 105 -12.69 0.57 38.00
N CYS A 106 -13.27 1.20 36.98
CA CYS A 106 -13.66 0.49 35.76
C CYS A 106 -12.37 0.26 34.99
N MET A 107 -11.44 1.20 35.14
CA MET A 107 -10.15 1.17 34.49
C MET A 107 -9.46 -0.19 34.61
N ALA A 108 -9.52 -0.78 35.81
CA ALA A 108 -8.90 -2.07 36.05
C ALA A 108 -9.61 -3.18 35.26
N ALA A 109 -10.85 -2.91 34.88
CA ALA A 109 -11.65 -3.87 34.13
C ALA A 109 -11.27 -3.85 32.65
N LEU A 110 -10.94 -2.67 32.14
CA LEU A 110 -10.55 -2.50 30.75
C LEU A 110 -9.39 -3.43 30.39
N LYS A 111 -9.46 -4.03 29.21
CA LYS A 111 -8.39 -4.92 28.76
C LYS A 111 -7.54 -4.13 27.76
N HIS A 112 -6.24 -4.36 27.75
CA HIS A 112 -5.38 -3.64 26.82
C HIS A 112 -5.21 -4.42 25.52
N GLN A 113 -5.16 -3.69 24.40
CA GLN A 113 -5.00 -4.32 23.10
C GLN A 113 -3.53 -4.31 22.73
N PRO A 114 -3.01 -5.43 22.22
CA PRO A 114 -1.61 -5.50 21.84
C PRO A 114 -1.29 -4.60 20.66
N GLN A 115 0.00 -4.43 20.40
CA GLN A 115 0.48 -3.66 19.27
C GLN A 115 0.76 -4.76 18.26
N GLU A 116 0.00 -4.79 17.15
CA GLU A 116 0.21 -5.84 16.16
C GLU A 116 1.19 -5.43 15.06
N PHE A 117 1.51 -4.15 15.01
CA PHE A 117 2.45 -3.66 14.00
C PHE A 117 3.65 -3.02 14.69
N PRO A 118 4.61 -3.85 15.14
CA PRO A 118 5.83 -3.41 15.83
C PRO A 118 6.65 -2.49 14.92
N THR A 119 7.23 -1.44 15.49
CA THR A 119 8.05 -0.54 14.68
C THR A 119 9.45 -0.38 15.28
N TYR A 120 9.83 -1.29 16.17
CA TYR A 120 11.15 -1.22 16.78
C TYR A 120 12.24 -1.54 15.77
N VAL A 121 13.25 -0.68 15.73
CA VAL A 121 14.37 -0.86 14.82
C VAL A 121 15.63 -0.55 15.60
N GLU A 122 16.53 -1.52 15.70
CA GLU A 122 17.75 -1.31 16.43
C GLU A 122 18.67 -0.33 15.70
N PRO A 123 19.21 0.65 16.44
CA PRO A 123 20.11 1.66 15.87
C PRO A 123 21.47 1.03 15.54
N THR A 124 22.33 1.80 14.90
CA THR A 124 23.68 1.37 14.56
C THR A 124 24.50 1.36 15.85
N ASN A 125 25.64 0.69 15.84
CA ASN A 125 26.51 0.63 17.02
C ASN A 125 26.89 2.04 17.47
N ASP A 126 27.26 2.90 16.53
CA ASP A 126 27.65 4.25 16.90
C ASP A 126 26.51 4.99 17.56
N GLU A 127 25.33 4.93 16.95
CA GLU A 127 24.14 5.58 17.51
C GLU A 127 23.92 5.12 18.94
N ILE A 128 24.13 3.83 19.17
CA ILE A 128 23.94 3.26 20.50
C ILE A 128 24.97 3.79 21.50
N CYS A 129 26.24 3.71 21.14
CA CYS A 129 27.30 4.15 22.05
C CYS A 129 27.31 5.65 22.32
N GLU A 130 27.03 6.47 21.33
CA GLU A 130 26.99 7.91 21.56
C GLU A 130 25.86 8.22 22.54
N ALA A 131 24.67 7.68 22.27
CA ALA A 131 23.52 7.90 23.14
C ALA A 131 23.82 7.39 24.55
N PHE A 132 24.46 6.22 24.62
CA PHE A 132 24.79 5.62 25.91
C PHE A 132 25.80 6.39 26.75
N ARG A 133 26.81 6.98 26.13
CA ARG A 133 27.78 7.73 26.93
C ARG A 133 27.20 9.06 27.40
N LYS A 134 26.44 9.71 26.51
CA LYS A 134 25.80 10.98 26.82
C LYS A 134 24.82 10.88 27.97
N ASP A 135 23.90 9.92 27.90
CA ASP A 135 22.89 9.73 28.93
C ASP A 135 22.58 8.23 29.13
N PRO A 136 23.40 7.54 29.93
CA PRO A 136 23.25 6.11 30.24
C PRO A 136 21.87 5.71 30.76
N LYS A 137 21.33 6.51 31.68
CA LYS A 137 20.02 6.23 32.26
C LYS A 137 18.86 6.33 31.27
N GLU A 138 18.73 7.47 30.60
CA GLU A 138 17.63 7.65 29.66
C GLU A 138 17.77 6.75 28.43
N TYR A 139 19.00 6.40 28.08
CA TYR A 139 19.19 5.54 26.93
C TYR A 139 18.56 4.18 27.26
N ALA A 140 18.82 3.69 28.46
CA ALA A 140 18.30 2.40 28.91
C ALA A 140 16.79 2.47 29.15
N ASN A 141 16.31 3.63 29.58
CA ASN A 141 14.88 3.77 29.83
C ASN A 141 14.13 3.84 28.51
N GLN A 142 14.68 4.57 27.55
CA GLN A 142 14.06 4.71 26.25
C GLN A 142 14.02 3.32 25.58
N PHE A 143 15.05 2.52 25.84
CA PHE A 143 15.12 1.18 25.27
C PHE A 143 14.10 0.24 25.91
N MET A 144 14.04 0.25 27.24
CA MET A 144 13.12 -0.63 27.95
C MET A 144 11.69 -0.29 27.57
N TRP A 145 11.42 1.00 27.42
CA TRP A 145 10.08 1.44 27.06
C TRP A 145 9.74 1.00 25.63
N GLU A 146 10.54 1.43 24.67
CA GLU A 146 10.27 1.10 23.27
C GLU A 146 10.26 -0.38 22.95
N TYR A 147 11.16 -1.15 23.57
CA TYR A 147 11.19 -2.58 23.33
C TYR A 147 9.96 -3.25 23.96
N SER A 148 9.61 -2.84 25.17
CA SER A 148 8.47 -3.43 25.87
C SER A 148 7.11 -3.07 25.28
N THR A 149 6.95 -1.85 24.76
CA THR A 149 5.68 -1.46 24.16
C THR A 149 5.50 -2.20 22.86
N ASN A 150 6.60 -2.44 22.17
CA ASN A 150 6.56 -3.15 20.89
C ASN A 150 6.37 -4.66 21.00
N TYR A 151 7.00 -5.28 22.00
CA TYR A 151 6.90 -6.73 22.19
C TYR A 151 6.36 -7.04 23.58
N GLY A 152 5.38 -6.26 24.02
CA GLY A 152 4.81 -6.41 25.33
C GLY A 152 4.06 -7.70 25.62
N GLN A 153 3.72 -8.46 24.59
CA GLN A 153 3.00 -9.71 24.79
C GLN A 153 3.94 -10.86 25.14
N ALA A 154 5.24 -10.64 25.01
CA ALA A 154 6.15 -11.70 25.39
C ALA A 154 6.08 -11.78 26.92
N PRO A 155 6.40 -12.93 27.52
CA PRO A 155 6.36 -13.07 28.98
C PRO A 155 7.24 -12.01 29.65
N LEU A 156 6.75 -11.45 30.76
CA LEU A 156 7.49 -10.43 31.51
C LEU A 156 8.89 -10.95 31.83
N SER A 157 8.97 -12.17 32.34
CA SER A 157 10.25 -12.77 32.70
C SER A 157 11.24 -12.71 31.54
N LEU A 158 10.75 -12.95 30.33
CA LEU A 158 11.60 -12.93 29.14
C LEU A 158 12.01 -11.49 28.76
N LEU A 159 11.07 -10.56 28.77
CA LEU A 159 11.38 -9.17 28.45
C LEU A 159 12.44 -8.62 29.40
N VAL A 160 12.21 -8.84 30.70
CA VAL A 160 13.12 -8.38 31.72
C VAL A 160 14.48 -8.99 31.50
N SER A 161 14.51 -10.29 31.21
CA SER A 161 15.76 -10.99 30.99
C SER A 161 16.49 -10.49 29.74
N TYR A 162 15.76 -10.28 28.65
CA TYR A 162 16.40 -9.83 27.43
C TYR A 162 16.90 -8.39 27.55
N THR A 163 16.06 -7.48 28.04
CA THR A 163 16.49 -6.09 28.15
C THR A 163 17.66 -5.92 29.13
N LYS A 164 17.73 -6.73 30.19
CA LYS A 164 18.85 -6.62 31.12
C LYS A 164 20.12 -7.13 30.45
N SER A 165 20.01 -8.24 29.71
CA SER A 165 21.16 -8.79 29.03
C SER A 165 21.62 -7.84 27.93
N TYR A 166 20.66 -7.27 27.20
CA TYR A 166 20.99 -6.35 26.12
C TYR A 166 21.71 -5.10 26.64
N LEU A 167 21.21 -4.53 27.73
CA LEU A 167 21.82 -3.33 28.29
C LEU A 167 23.23 -3.63 28.81
N SER A 168 23.41 -4.83 29.35
CA SER A 168 24.70 -5.26 29.85
C SER A 168 25.67 -5.33 28.65
N MET A 169 25.19 -5.85 27.52
CA MET A 169 26.01 -5.92 26.31
C MET A 169 26.39 -4.49 25.90
N VAL A 170 25.41 -3.60 25.83
CA VAL A 170 25.71 -2.23 25.45
C VAL A 170 26.75 -1.67 26.42
N GLY A 171 26.53 -1.87 27.71
CA GLY A 171 27.43 -1.37 28.72
C GLY A 171 28.88 -1.80 28.57
N SER A 172 29.10 -3.09 28.36
CA SER A 172 30.46 -3.60 28.23
C SER A 172 31.08 -3.39 26.86
N CYS A 173 30.26 -3.52 25.81
CA CYS A 173 30.77 -3.36 24.47
C CYS A 173 31.17 -1.92 24.09
N CYS A 174 30.40 -0.94 24.52
CA CYS A 174 30.74 0.44 24.16
C CYS A 174 32.00 0.96 24.82
N THR A 175 32.50 0.24 25.81
CA THR A 175 33.71 0.65 26.51
C THR A 175 34.80 -0.39 26.34
N SER A 176 34.58 -1.35 25.44
CA SER A 176 35.55 -2.41 25.20
C SER A 176 36.70 -1.94 24.32
N ALA A 177 37.72 -2.79 24.20
CA ALA A 177 38.90 -2.50 23.39
C ALA A 177 38.48 -2.09 21.98
N SER A 178 37.50 -2.82 21.45
CA SER A 178 36.96 -2.55 20.13
C SER A 178 35.47 -2.86 20.15
N PRO A 179 34.63 -1.82 20.28
CA PRO A 179 33.18 -2.02 20.31
C PRO A 179 32.65 -2.88 19.16
N THR A 180 33.15 -2.63 17.95
CA THR A 180 32.69 -3.37 16.78
C THR A 180 32.80 -4.89 16.93
N VAL A 181 33.95 -5.39 17.38
CA VAL A 181 34.14 -6.83 17.55
C VAL A 181 33.33 -7.33 18.73
N CYS A 182 33.33 -6.55 19.81
CA CYS A 182 32.58 -6.91 21.01
C CYS A 182 31.11 -7.13 20.66
N PHE A 183 30.54 -6.16 19.96
CA PHE A 183 29.13 -6.23 19.55
C PHE A 183 28.85 -7.41 18.63
N LEU A 184 29.75 -7.66 17.69
CA LEU A 184 29.57 -8.76 16.76
C LEU A 184 29.46 -10.07 17.54
N LYS A 185 30.37 -10.27 18.49
CA LYS A 185 30.41 -11.47 19.30
C LYS A 185 29.25 -11.58 20.29
N GLU A 186 29.03 -10.51 21.06
CA GLU A 186 27.94 -10.51 22.03
C GLU A 186 26.53 -10.60 21.45
N ARG A 187 26.29 -10.03 20.27
CA ARG A 187 24.96 -10.13 19.69
C ARG A 187 24.69 -11.59 19.27
N LEU A 188 25.76 -12.27 18.91
CA LEU A 188 25.68 -13.67 18.49
C LEU A 188 25.31 -14.54 19.69
N GLN A 189 25.84 -14.19 20.86
CA GLN A 189 25.52 -14.94 22.06
C GLN A 189 24.08 -14.64 22.51
N LEU A 190 23.57 -13.46 22.13
CA LEU A 190 22.23 -13.07 22.50
C LEU A 190 21.15 -13.39 21.48
N LYS A 191 21.55 -13.81 20.29
CA LYS A 191 20.56 -14.11 19.24
C LYS A 191 19.42 -15.00 19.71
N HIS A 192 19.77 -16.05 20.43
CA HIS A 192 18.79 -17.00 20.95
C HIS A 192 17.72 -16.31 21.78
N LEU A 193 18.13 -15.60 22.83
CA LEU A 193 17.21 -14.89 23.71
C LEU A 193 16.47 -13.80 22.93
N SER A 194 17.15 -13.23 21.95
CA SER A 194 16.57 -12.16 21.13
C SER A 194 15.42 -12.65 20.26
N LEU A 195 15.66 -13.74 19.54
CA LEU A 195 14.64 -14.31 18.66
C LEU A 195 13.52 -14.92 19.49
N LEU A 196 13.89 -15.49 20.63
CA LEU A 196 12.90 -16.12 21.49
C LEU A 196 11.88 -15.07 21.98
N THR A 197 12.37 -13.89 22.32
CA THR A 197 11.49 -12.84 22.81
C THR A 197 10.53 -12.28 21.76
N THR A 198 11.00 -11.99 20.56
CA THR A 198 10.11 -11.47 19.53
C THR A 198 9.16 -12.57 19.07
N LEU A 199 9.68 -13.80 18.97
CA LEU A 199 8.85 -14.94 18.58
C LEU A 199 7.74 -15.12 19.62
N SER A 200 8.12 -15.08 20.90
CA SER A 200 7.16 -15.24 21.98
C SER A 200 6.11 -14.15 21.97
N ASN A 201 6.52 -12.92 21.67
CA ASN A 201 5.55 -11.84 21.62
C ASN A 201 4.50 -12.13 20.54
N ARG A 202 4.97 -12.54 19.38
CA ARG A 202 4.09 -12.83 18.25
C ARG A 202 3.10 -13.95 18.55
N VAL A 203 3.58 -15.13 18.96
CA VAL A 203 2.64 -16.21 19.22
C VAL A 203 1.78 -15.99 20.46
N CYS A 204 2.31 -15.31 21.47
CA CYS A 204 1.49 -15.05 22.66
C CYS A 204 0.46 -13.95 22.42
N SER A 205 0.74 -13.06 21.48
CA SER A 205 -0.21 -12.00 21.16
C SER A 205 -1.41 -12.62 20.46
N GLN A 206 -1.13 -13.54 19.53
CA GLN A 206 -2.19 -14.25 18.80
C GLN A 206 -3.01 -15.05 19.82
N TYR A 207 -2.32 -15.66 20.78
CA TYR A 207 -2.97 -16.46 21.81
C TYR A 207 -3.89 -15.61 22.68
N ALA A 208 -3.42 -14.45 23.10
CA ALA A 208 -4.22 -13.56 23.94
C ALA A 208 -5.39 -12.98 23.17
N ALA A 209 -5.18 -12.67 21.89
CA ALA A 209 -6.24 -12.12 21.06
C ALA A 209 -7.41 -13.10 20.83
N TYR A 210 -7.09 -14.38 20.64
CA TYR A 210 -8.11 -15.39 20.40
C TYR A 210 -8.64 -16.12 21.65
N GLY A 211 -7.79 -16.29 22.66
CA GLY A 211 -8.22 -17.03 23.82
C GLY A 211 -7.80 -18.45 23.51
N GLU A 212 -7.64 -19.27 24.54
CA GLU A 212 -7.17 -20.64 24.34
C GLU A 212 -7.87 -21.53 23.32
N LYS A 213 -9.19 -21.61 23.39
CA LYS A 213 -9.93 -22.47 22.47
C LYS A 213 -9.76 -22.08 21.00
N LYS A 214 -9.91 -20.80 20.69
CA LYS A 214 -9.76 -20.35 19.31
C LYS A 214 -8.30 -20.45 18.84
N SER A 215 -7.36 -20.21 19.75
CA SER A 215 -5.96 -20.26 19.41
C SER A 215 -5.62 -21.67 18.96
N ARG A 216 -6.10 -22.64 19.74
CA ARG A 216 -5.90 -24.05 19.44
C ARG A 216 -6.42 -24.34 18.04
N LEU A 217 -7.66 -23.93 17.76
CA LEU A 217 -8.23 -24.18 16.43
C LEU A 217 -7.43 -23.44 15.35
N SER A 218 -7.02 -22.21 15.67
CA SER A 218 -6.27 -21.40 14.73
C SER A 218 -4.99 -22.13 14.33
N ASN A 219 -4.27 -22.66 15.32
CA ASN A 219 -3.05 -23.38 15.00
C ASN A 219 -3.30 -24.69 14.27
N LEU A 220 -4.47 -25.28 14.49
CA LEU A 220 -4.81 -26.52 13.79
C LEU A 220 -5.05 -26.14 12.33
N ILE A 221 -5.73 -25.01 12.12
CA ILE A 221 -6.03 -24.53 10.78
C ILE A 221 -4.76 -24.25 9.98
N LYS A 222 -3.85 -23.48 10.57
CA LYS A 222 -2.60 -23.15 9.90
C LYS A 222 -1.75 -24.35 9.50
N LEU A 223 -1.66 -25.33 10.39
CA LEU A 223 -0.88 -26.54 10.10
C LEU A 223 -1.56 -27.30 8.97
N ALA A 224 -2.89 -27.28 8.96
CA ALA A 224 -3.63 -27.95 7.90
C ALA A 224 -3.30 -27.30 6.56
N GLN A 225 -3.29 -25.97 6.53
CA GLN A 225 -2.99 -25.24 5.30
C GLN A 225 -1.55 -25.46 4.83
N LYS A 226 -0.63 -25.58 5.77
CA LYS A 226 0.78 -25.79 5.45
C LYS A 226 1.12 -27.19 4.95
N VAL A 227 0.33 -28.18 5.37
CA VAL A 227 0.56 -29.56 4.97
C VAL A 227 -0.77 -30.29 4.81
N PRO A 228 -1.51 -30.03 3.71
CA PRO A 228 -2.80 -30.69 3.48
C PRO A 228 -2.62 -32.19 3.25
N THR A 229 -1.36 -32.57 3.02
CA THR A 229 -0.95 -33.95 2.77
C THR A 229 -1.18 -34.82 4.00
N ALA A 230 -0.90 -34.24 5.16
CA ALA A 230 -1.03 -34.92 6.44
C ALA A 230 -2.45 -35.32 6.79
N ASP A 231 -2.56 -36.18 7.79
CA ASP A 231 -3.82 -36.68 8.30
C ASP A 231 -4.09 -35.82 9.52
N LEU A 232 -5.31 -35.88 10.03
CA LEU A 232 -5.67 -35.14 11.22
C LEU A 232 -4.70 -35.56 12.33
N GLU A 233 -4.38 -36.85 12.34
CA GLU A 233 -3.50 -37.45 13.33
C GLU A 233 -2.07 -36.90 13.34
N ASP A 234 -1.62 -36.35 12.23
CA ASP A 234 -0.28 -35.80 12.18
C ASP A 234 -0.19 -34.39 12.77
N VAL A 235 -1.24 -33.60 12.54
CA VAL A 235 -1.26 -32.20 13.00
C VAL A 235 -1.97 -31.88 14.31
N LEU A 236 -3.03 -32.63 14.64
CA LEU A 236 -3.76 -32.36 15.87
C LEU A 236 -2.88 -32.37 17.12
N PRO A 237 -2.03 -33.40 17.27
CA PRO A 237 -1.17 -33.45 18.46
C PRO A 237 -0.31 -32.20 18.55
N LEU A 238 0.08 -31.69 17.39
CA LEU A 238 0.92 -30.49 17.32
C LEU A 238 0.16 -29.22 17.72
N ALA A 239 -1.08 -29.07 17.26
CA ALA A 239 -1.91 -27.92 17.62
C ALA A 239 -2.15 -28.00 19.13
N GLU A 240 -2.31 -29.21 19.63
CA GLU A 240 -2.53 -29.43 21.05
C GLU A 240 -1.29 -29.02 21.84
N ASP A 241 -0.14 -29.49 21.37
CA ASP A 241 1.11 -29.22 22.05
C ASP A 241 1.48 -27.74 22.09
N ILE A 242 1.39 -27.05 20.95
CA ILE A 242 1.74 -25.64 20.96
C ILE A 242 0.79 -24.89 21.89
N THR A 243 -0.49 -25.25 21.84
CA THR A 243 -1.48 -24.59 22.70
C THR A 243 -1.11 -24.79 24.19
N ASN A 244 -0.69 -25.99 24.56
CA ASN A 244 -0.33 -26.26 25.95
C ASN A 244 0.85 -25.41 26.37
N ILE A 245 1.82 -25.28 25.48
CA ILE A 245 3.01 -24.49 25.75
C ILE A 245 2.65 -23.02 25.96
N LEU A 246 1.78 -22.48 25.11
CA LEU A 246 1.39 -21.07 25.23
C LEU A 246 0.61 -20.76 26.52
N SER A 247 -0.36 -21.60 26.86
CA SER A 247 -1.15 -21.35 28.07
C SER A 247 -0.26 -21.48 29.29
N LYS A 248 0.82 -22.24 29.15
CA LYS A 248 1.72 -22.42 30.27
C LYS A 248 2.86 -21.41 30.37
N CYS A 249 3.38 -20.93 29.24
CA CYS A 249 4.53 -20.03 29.27
C CYS A 249 4.37 -18.58 28.82
N CYS A 250 3.24 -18.24 28.24
CA CYS A 250 3.02 -16.89 27.76
C CYS A 250 3.00 -15.87 28.90
N GLU A 251 2.67 -16.33 30.11
CA GLU A 251 2.62 -15.43 31.25
C GLU A 251 3.43 -15.95 32.43
N SER A 252 4.58 -15.34 32.68
CA SER A 252 5.46 -15.70 33.79
C SER A 252 6.28 -14.45 34.16
N ALA A 253 6.27 -14.11 35.45
CA ALA A 253 6.97 -12.92 35.92
C ALA A 253 8.46 -13.05 36.23
N SER A 254 8.97 -14.27 36.40
CA SER A 254 10.39 -14.44 36.70
C SER A 254 11.08 -15.62 36.03
N GLU A 255 10.38 -16.73 35.89
CA GLU A 255 10.99 -17.91 35.28
C GLU A 255 10.29 -18.23 33.96
N ASP A 256 10.98 -17.98 32.86
CA ASP A 256 10.46 -18.26 31.53
C ASP A 256 10.54 -19.73 31.19
N CYS A 257 9.52 -20.24 30.52
CA CYS A 257 9.55 -21.63 30.11
C CYS A 257 9.43 -21.82 28.62
N MET A 258 9.33 -20.72 27.88
CA MET A 258 9.26 -20.82 26.43
C MET A 258 10.54 -21.49 25.93
N ALA A 259 11.68 -21.08 26.49
CA ALA A 259 12.99 -21.65 26.10
C ALA A 259 13.09 -23.13 26.43
N LYS A 260 12.37 -23.57 27.46
CA LYS A 260 12.43 -24.97 27.86
C LYS A 260 11.49 -25.86 27.07
N GLU A 261 10.38 -25.29 26.60
CA GLU A 261 9.36 -26.04 25.88
C GLU A 261 9.38 -26.04 24.35
N LEU A 262 9.65 -24.88 23.75
CA LEU A 262 9.64 -24.78 22.29
C LEU A 262 10.54 -25.73 21.52
N PRO A 263 11.77 -25.97 22.01
CA PRO A 263 12.62 -26.89 21.25
C PRO A 263 12.03 -28.28 21.07
N GLU A 264 11.52 -28.88 22.14
CA GLU A 264 10.95 -30.21 22.00
C GLU A 264 9.75 -30.17 21.05
N HIS A 265 9.06 -29.03 20.99
CA HIS A 265 7.92 -28.91 20.09
C HIS A 265 8.34 -29.08 18.63
N THR A 266 9.53 -28.57 18.27
CA THR A 266 10.02 -28.69 16.90
C THR A 266 10.31 -30.18 16.62
N VAL A 267 10.71 -30.92 17.66
CA VAL A 267 10.99 -32.34 17.49
C VAL A 267 9.67 -33.03 17.11
N LYS A 268 8.58 -32.67 17.76
CA LYS A 268 7.28 -33.25 17.43
C LYS A 268 6.92 -32.83 16.00
N LEU A 269 7.10 -31.54 15.69
CA LEU A 269 6.80 -31.04 14.36
C LEU A 269 7.47 -31.90 13.31
N CYS A 270 8.78 -32.07 13.44
CA CYS A 270 9.55 -32.85 12.47
C CYS A 270 9.20 -34.34 12.46
N ASP A 271 9.01 -34.94 13.63
CA ASP A 271 8.63 -36.35 13.70
C ASP A 271 7.40 -36.59 12.83
N ASN A 272 6.39 -35.72 12.97
CA ASN A 272 5.14 -35.88 12.24
C ASN A 272 5.04 -35.34 10.82
N LEU A 273 5.82 -34.31 10.48
CA LEU A 273 5.71 -33.70 9.15
C LEU A 273 6.98 -33.68 8.30
N SER A 274 8.11 -34.06 8.88
CA SER A 274 9.37 -34.05 8.16
C SER A 274 9.27 -34.76 6.81
N THR A 275 8.64 -35.93 6.79
CA THR A 275 8.50 -36.72 5.58
C THR A 275 7.22 -36.47 4.79
N LYS A 276 6.29 -35.74 5.40
CA LYS A 276 5.01 -35.46 4.74
C LYS A 276 5.10 -34.29 3.77
N ASN A 277 6.17 -33.51 3.87
CA ASN A 277 6.33 -32.33 3.02
C ASN A 277 7.78 -31.92 2.81
N SER A 278 8.13 -31.67 1.55
CA SER A 278 9.49 -31.29 1.18
C SER A 278 9.98 -30.03 1.89
N LYS A 279 9.15 -29.00 1.94
CA LYS A 279 9.52 -27.75 2.60
C LYS A 279 9.71 -27.93 4.11
N PHE A 280 8.94 -28.85 4.71
CA PHE A 280 9.08 -29.08 6.14
C PHE A 280 10.38 -29.80 6.40
N GLU A 281 10.75 -30.66 5.45
CA GLU A 281 12.00 -31.41 5.56
C GLU A 281 13.14 -30.41 5.67
N ASP A 282 13.15 -29.42 4.78
CA ASP A 282 14.20 -28.40 4.79
C ASP A 282 14.19 -27.62 6.09
N CYS A 283 13.00 -27.26 6.58
CA CYS A 283 12.90 -26.53 7.83
C CYS A 283 13.55 -27.36 8.94
N CYS A 284 13.25 -28.65 8.94
CA CYS A 284 13.77 -29.55 9.95
C CYS A 284 15.27 -29.83 9.83
N GLN A 285 15.89 -29.30 8.81
CA GLN A 285 17.32 -29.49 8.60
C GLN A 285 18.13 -28.32 9.16
N GLU A 286 17.44 -27.24 9.51
CA GLU A 286 18.12 -26.06 10.04
C GLU A 286 18.85 -26.28 11.35
N LYS A 287 19.86 -25.45 11.58
CA LYS A 287 20.73 -25.55 12.75
C LYS A 287 20.14 -25.53 14.16
N THR A 288 19.15 -24.68 14.42
CA THR A 288 18.56 -24.63 15.76
C THR A 288 17.05 -24.86 15.77
N ALA A 289 16.52 -25.20 16.95
CA ALA A 289 15.09 -25.44 17.10
C ALA A 289 14.36 -24.14 16.77
N MET A 290 14.97 -23.03 17.16
CA MET A 290 14.43 -21.71 16.89
C MET A 290 14.27 -21.50 15.38
N ASP A 291 15.29 -21.88 14.62
CA ASP A 291 15.25 -21.73 13.17
C ASP A 291 14.19 -22.63 12.56
N VAL A 292 14.05 -23.82 13.13
CA VAL A 292 13.05 -24.78 12.64
C VAL A 292 11.66 -24.20 12.89
N PHE A 293 11.46 -23.64 14.07
CA PHE A 293 10.17 -23.07 14.44
C PHE A 293 9.83 -21.87 13.55
N VAL A 294 10.73 -20.91 13.51
CA VAL A 294 10.51 -19.73 12.68
C VAL A 294 10.24 -20.14 11.23
N CYS A 295 11.05 -21.08 10.73
CA CYS A 295 10.90 -21.58 9.37
C CYS A 295 9.51 -22.14 9.10
N THR A 296 8.99 -22.92 10.05
CA THR A 296 7.66 -23.50 9.87
C THR A 296 6.59 -22.42 10.01
N TYR A 297 6.86 -21.44 10.86
CA TYR A 297 5.94 -20.33 11.10
C TYR A 297 5.71 -19.49 9.83
N PHE A 298 6.81 -19.12 9.18
CA PHE A 298 6.73 -18.31 7.97
C PHE A 298 6.26 -19.09 6.74
N MET A 299 6.17 -20.41 6.87
CA MET A 299 5.72 -21.24 5.76
C MET A 299 4.28 -20.83 5.42
N PRO A 300 4.04 -20.41 4.18
CA PRO A 300 2.70 -19.99 3.74
C PRO A 300 1.76 -21.17 3.48
N ALA A 301 0.49 -20.86 3.27
CA ALA A 301 -0.51 -21.89 2.99
C ALA A 301 -0.13 -22.49 1.64
N ALA A 302 0.09 -23.80 1.61
CA ALA A 302 0.47 -24.50 0.38
C ALA A 302 -0.75 -24.70 -0.51
N GLN A 303 -0.51 -25.04 -1.77
CA GLN A 303 -1.60 -25.27 -2.71
C GLN A 303 -2.42 -26.44 -2.18
N LEU A 304 -3.74 -26.27 -2.16
CA LEU A 304 -4.62 -27.33 -1.66
C LEU A 304 -5.02 -28.28 -2.77
N PRO A 305 -5.04 -29.59 -2.47
CA PRO A 305 -5.42 -30.62 -3.45
C PRO A 305 -6.87 -30.49 -3.92
N GLU A 306 -7.67 -29.73 -3.18
CA GLU A 306 -9.06 -29.57 -3.54
C GLU A 306 -9.75 -30.92 -3.55
N LEU A 307 -10.14 -31.38 -2.37
CA LEU A 307 -10.81 -32.66 -2.21
C LEU A 307 -12.33 -32.44 -2.22
N PRO A 308 -13.12 -33.48 -1.88
CA PRO A 308 -14.58 -33.27 -1.88
C PRO A 308 -15.01 -32.28 -0.80
N ASP A 309 -16.19 -31.70 -0.98
CA ASP A 309 -16.70 -30.74 0.00
C ASP A 309 -16.92 -31.45 1.34
N VAL A 310 -17.04 -30.68 2.42
CA VAL A 310 -17.24 -31.24 3.75
C VAL A 310 -18.44 -30.59 4.40
N GLU A 311 -19.39 -31.40 4.86
CA GLU A 311 -20.58 -30.85 5.48
C GLU A 311 -20.35 -30.53 6.95
N LEU A 312 -21.12 -29.58 7.47
CA LEU A 312 -21.05 -29.17 8.86
C LEU A 312 -21.32 -30.37 9.75
N PRO A 313 -20.66 -30.44 10.92
CA PRO A 313 -20.85 -31.56 11.84
C PRO A 313 -22.18 -31.49 12.60
N THR A 314 -23.28 -31.57 11.86
CA THR A 314 -24.60 -31.52 12.48
C THR A 314 -25.03 -32.87 13.08
N ASN A 315 -24.25 -33.35 14.03
CA ASN A 315 -24.55 -34.62 14.70
C ASN A 315 -24.20 -34.57 16.19
N LYS A 316 -24.91 -35.39 16.97
CA LYS A 316 -24.73 -35.45 18.42
C LYS A 316 -23.29 -35.59 18.92
N ASP A 317 -22.37 -36.05 18.07
CA ASP A 317 -20.98 -36.20 18.49
C ASP A 317 -20.26 -34.87 18.79
N VAL A 318 -20.79 -33.75 18.32
CA VAL A 318 -20.16 -32.46 18.59
C VAL A 318 -20.52 -31.97 19.99
N CYS A 319 -21.41 -32.71 20.64
CA CYS A 319 -21.86 -32.34 21.97
C CYS A 319 -21.00 -32.88 23.08
N ASP A 320 -20.02 -33.70 22.75
CA ASP A 320 -19.13 -34.27 23.75
C ASP A 320 -18.36 -33.14 24.44
N PRO A 321 -18.69 -32.85 25.71
CA PRO A 321 -18.00 -31.79 26.44
C PRO A 321 -16.57 -32.21 26.74
N GLY A 322 -16.36 -33.52 26.84
CA GLY A 322 -15.04 -34.05 27.14
C GLY A 322 -14.07 -34.00 25.97
N ASN A 323 -14.57 -34.10 24.74
CA ASN A 323 -13.68 -34.07 23.59
C ASN A 323 -14.17 -33.12 22.49
N THR A 324 -13.29 -32.84 21.54
CA THR A 324 -13.58 -31.95 20.43
C THR A 324 -13.12 -32.62 19.15
N LYS A 325 -12.91 -33.93 19.24
CA LYS A 325 -12.46 -34.72 18.11
C LYS A 325 -13.28 -34.40 16.87
N VAL A 326 -14.60 -34.31 17.03
CA VAL A 326 -15.48 -34.03 15.91
C VAL A 326 -15.31 -32.61 15.39
N MET A 327 -15.30 -31.64 16.29
CA MET A 327 -15.12 -30.25 15.87
C MET A 327 -13.74 -30.06 15.26
N ASP A 328 -12.74 -30.76 15.80
CA ASP A 328 -11.38 -30.66 15.30
C ASP A 328 -11.28 -31.31 13.91
N LYS A 329 -11.94 -32.45 13.74
CA LYS A 329 -11.91 -33.14 12.45
C LYS A 329 -12.53 -32.25 11.38
N TYR A 330 -13.65 -31.60 11.70
CA TYR A 330 -14.30 -30.73 10.74
C TYR A 330 -13.41 -29.53 10.40
N THR A 331 -12.86 -28.90 11.43
CA THR A 331 -11.98 -27.74 11.27
C THR A 331 -10.80 -28.12 10.39
N PHE A 332 -10.21 -29.27 10.67
CA PHE A 332 -9.08 -29.75 9.90
C PHE A 332 -9.49 -29.98 8.44
N GLU A 333 -10.58 -30.72 8.25
CA GLU A 333 -11.06 -31.05 6.92
C GLU A 333 -11.51 -29.82 6.12
N LEU A 334 -12.13 -28.86 6.80
CA LEU A 334 -12.57 -27.63 6.14
C LEU A 334 -11.34 -26.85 5.66
N SER A 335 -10.31 -26.79 6.49
CA SER A 335 -9.10 -26.05 6.15
C SER A 335 -8.30 -26.60 4.97
N ARG A 336 -8.16 -27.92 4.89
CA ARG A 336 -7.41 -28.49 3.78
C ARG A 336 -8.23 -28.62 2.50
N ARG A 337 -9.39 -27.97 2.47
CA ARG A 337 -10.26 -28.03 1.29
C ARG A 337 -10.76 -26.64 0.88
N THR A 338 -10.73 -25.70 1.79
CA THR A 338 -11.20 -24.35 1.50
C THR A 338 -10.03 -23.37 1.39
N HIS A 339 -9.85 -22.81 0.20
CA HIS A 339 -8.78 -21.83 -0.01
C HIS A 339 -9.25 -20.49 0.53
N LEU A 340 -8.95 -20.24 1.79
CA LEU A 340 -9.35 -19.02 2.48
C LEU A 340 -8.33 -18.84 3.58
N PRO A 341 -8.00 -17.59 3.93
CA PRO A 341 -7.01 -17.31 4.99
C PRO A 341 -7.48 -17.75 6.39
N GLU A 342 -6.55 -18.08 7.27
CA GLU A 342 -6.94 -18.52 8.60
C GLU A 342 -7.71 -17.46 9.36
N VAL A 343 -7.38 -16.16 9.19
CA VAL A 343 -8.12 -15.14 9.92
C VAL A 343 -9.59 -15.20 9.52
N PHE A 344 -9.88 -15.56 8.28
CA PHE A 344 -11.28 -15.68 7.84
C PHE A 344 -11.90 -16.95 8.44
N LEU A 345 -11.21 -18.09 8.30
CA LEU A 345 -11.70 -19.36 8.81
C LEU A 345 -11.99 -19.29 10.32
N SER A 346 -11.02 -18.81 11.08
CA SER A 346 -11.18 -18.70 12.52
C SER A 346 -12.37 -17.81 12.83
N LYS A 347 -12.55 -16.75 12.04
CA LYS A 347 -13.64 -15.83 12.27
C LYS A 347 -15.00 -16.49 12.10
N VAL A 348 -15.19 -17.26 11.04
CA VAL A 348 -16.49 -17.86 10.82
C VAL A 348 -16.77 -19.17 11.59
N LEU A 349 -15.71 -19.90 11.94
CA LEU A 349 -15.88 -21.16 12.67
C LEU A 349 -16.49 -20.98 14.06
N GLU A 350 -16.02 -19.96 14.77
CA GLU A 350 -16.49 -19.67 16.10
C GLU A 350 -18.01 -19.56 16.20
N PRO A 351 -18.63 -18.66 15.42
CA PRO A 351 -20.10 -18.49 15.48
C PRO A 351 -20.81 -19.74 14.93
N THR A 352 -20.25 -20.32 13.88
CA THR A 352 -20.83 -21.49 13.24
C THR A 352 -20.89 -22.69 14.18
N LEU A 353 -19.75 -23.06 14.77
CA LEU A 353 -19.72 -24.18 15.70
C LEU A 353 -20.57 -23.88 16.94
N LYS A 354 -20.52 -22.65 17.42
CA LYS A 354 -21.33 -22.26 18.58
C LYS A 354 -22.80 -22.42 18.26
N SER A 355 -23.19 -22.08 17.04
CA SER A 355 -24.57 -22.21 16.61
C SER A 355 -24.96 -23.69 16.65
N LEU A 356 -24.13 -24.53 16.03
CA LEU A 356 -24.37 -25.96 16.02
C LEU A 356 -24.53 -26.44 17.45
N GLY A 357 -23.60 -26.04 18.31
CA GLY A 357 -23.64 -26.42 19.71
C GLY A 357 -24.98 -26.17 20.37
N GLU A 358 -25.77 -25.22 19.86
CA GLU A 358 -27.07 -24.91 20.45
C GLU A 358 -28.10 -26.02 20.24
N CYS A 359 -27.73 -27.03 19.46
CA CYS A 359 -28.61 -28.15 19.18
C CYS A 359 -28.29 -29.32 20.11
N CYS A 360 -27.33 -29.09 20.99
CA CYS A 360 -26.90 -30.12 21.92
C CYS A 360 -27.76 -30.30 23.16
N ASP A 361 -27.87 -29.25 23.97
CA ASP A 361 -28.64 -29.31 25.21
C ASP A 361 -30.13 -29.04 25.03
N VAL A 362 -30.77 -29.81 24.15
CA VAL A 362 -32.20 -29.68 23.87
C VAL A 362 -32.84 -31.06 23.96
N GLU A 363 -34.16 -31.12 24.06
CA GLU A 363 -34.83 -32.41 24.19
C GLU A 363 -34.74 -33.27 22.94
N ASP A 364 -34.72 -32.66 21.76
CA ASP A 364 -34.60 -33.42 20.52
C ASP A 364 -33.55 -32.79 19.63
N SER A 365 -32.32 -33.29 19.75
CA SER A 365 -31.19 -32.77 18.98
C SER A 365 -31.33 -33.01 17.47
N THR A 366 -31.83 -34.18 17.08
CA THR A 366 -31.97 -34.49 15.67
C THR A 366 -32.83 -33.47 14.94
N THR A 367 -33.98 -33.14 15.50
CA THR A 367 -34.87 -32.17 14.87
C THR A 367 -34.19 -30.80 14.77
N CYS A 368 -33.51 -30.41 15.84
CA CYS A 368 -32.80 -29.13 15.88
C CYS A 368 -31.71 -29.09 14.79
N PHE A 369 -30.97 -30.18 14.63
CA PHE A 369 -29.92 -30.26 13.62
C PHE A 369 -30.47 -30.16 12.21
N ASN A 370 -31.53 -30.91 11.92
CA ASN A 370 -32.15 -30.89 10.60
C ASN A 370 -32.67 -29.50 10.22
N ALA A 371 -32.98 -28.70 11.22
CA ALA A 371 -33.48 -27.36 10.96
C ALA A 371 -32.33 -26.37 10.78
N LYS A 372 -31.43 -26.34 11.76
CA LYS A 372 -30.29 -25.44 11.73
C LYS A 372 -29.35 -25.69 10.55
N GLY A 373 -29.14 -26.96 10.21
CA GLY A 373 -28.25 -27.34 9.11
C GLY A 373 -28.32 -26.52 7.84
N PRO A 374 -29.47 -26.52 7.14
CA PRO A 374 -29.63 -25.77 5.89
C PRO A 374 -29.34 -24.27 6.01
N LEU A 375 -29.57 -23.71 7.20
CA LEU A 375 -29.34 -22.29 7.42
C LEU A 375 -27.85 -21.99 7.56
N LEU A 376 -27.19 -22.72 8.45
CA LEU A 376 -25.75 -22.52 8.67
C LEU A 376 -24.97 -22.75 7.39
N LYS A 377 -25.37 -23.74 6.60
CA LYS A 377 -24.66 -24.04 5.36
C LYS A 377 -24.62 -22.84 4.43
N LYS A 378 -25.76 -22.17 4.28
CA LYS A 378 -25.84 -21.01 3.39
C LYS A 378 -25.07 -19.82 3.93
N GLU A 379 -25.15 -19.59 5.24
CA GLU A 379 -24.44 -18.50 5.85
C GLU A 379 -22.93 -18.71 5.70
N LEU A 380 -22.48 -19.94 5.91
CA LEU A 380 -21.08 -20.27 5.79
C LEU A 380 -20.62 -20.09 4.35
N SER A 381 -21.39 -20.66 3.44
CA SER A 381 -21.07 -20.59 2.02
C SER A 381 -20.96 -19.14 1.55
N SER A 382 -21.86 -18.28 2.03
CA SER A 382 -21.87 -16.88 1.66
C SER A 382 -20.62 -16.16 2.21
N PHE A 383 -20.27 -16.45 3.46
CA PHE A 383 -19.11 -15.86 4.09
C PHE A 383 -17.86 -16.31 3.33
N ILE A 384 -17.76 -17.61 3.09
CA ILE A 384 -16.63 -18.17 2.38
C ILE A 384 -16.48 -17.58 0.97
N ASP A 385 -17.57 -17.55 0.22
CA ASP A 385 -17.55 -17.01 -1.14
C ASP A 385 -17.04 -15.57 -1.17
N LYS A 386 -17.53 -14.75 -0.25
CA LYS A 386 -17.12 -13.35 -0.20
C LYS A 386 -15.65 -13.24 0.21
N GLY A 387 -15.23 -14.08 1.14
CA GLY A 387 -13.85 -14.06 1.59
C GLY A 387 -12.89 -14.45 0.48
N GLN A 388 -13.28 -15.42 -0.34
CA GLN A 388 -12.42 -15.86 -1.43
C GLN A 388 -12.43 -14.82 -2.56
N GLU A 389 -13.45 -13.98 -2.55
CA GLU A 389 -13.58 -12.93 -3.54
C GLU A 389 -12.65 -11.79 -3.15
N LEU A 390 -12.58 -11.52 -1.84
CA LEU A 390 -11.74 -10.46 -1.30
C LEU A 390 -10.25 -10.76 -1.38
N CYS A 391 -9.90 -12.05 -1.39
CA CYS A 391 -8.51 -12.47 -1.44
C CYS A 391 -8.10 -13.11 -2.77
N ALA A 392 -8.99 -13.04 -3.75
CA ALA A 392 -8.73 -13.63 -5.05
C ALA A 392 -7.38 -13.19 -5.61
N ASP A 393 -6.61 -14.16 -6.11
CA ASP A 393 -5.30 -13.94 -6.72
C ASP A 393 -4.14 -13.56 -5.81
N TYR A 394 -4.41 -13.16 -4.57
CA TYR A 394 -3.32 -12.75 -3.70
C TYR A 394 -2.28 -13.84 -3.44
N SER A 395 -2.74 -15.00 -2.99
CA SER A 395 -1.84 -16.10 -2.67
C SER A 395 -1.05 -16.72 -3.83
N GLU A 396 -1.68 -16.85 -4.99
CA GLU A 396 -1.06 -17.47 -6.15
C GLU A 396 -0.11 -16.62 -7.00
N ASN A 397 -0.02 -15.32 -6.70
CA ASN A 397 0.83 -14.43 -7.48
C ASN A 397 1.73 -13.58 -6.61
N THR A 398 2.66 -12.88 -7.25
CA THR A 398 3.55 -11.97 -6.55
C THR A 398 2.68 -10.74 -6.36
N PHE A 399 2.95 -9.94 -5.33
CA PHE A 399 2.13 -8.76 -5.07
C PHE A 399 1.84 -7.96 -6.33
N THR A 400 2.89 -7.58 -7.05
CA THR A 400 2.74 -6.81 -8.28
C THR A 400 1.83 -7.50 -9.28
N GLU A 401 2.08 -8.79 -9.51
CA GLU A 401 1.28 -9.59 -10.44
C GLU A 401 -0.14 -9.67 -9.91
N TYR A 402 -0.27 -9.69 -8.58
CA TYR A 402 -1.57 -9.74 -7.93
C TYR A 402 -2.31 -8.45 -8.27
N LYS A 403 -1.64 -7.34 -8.00
CA LYS A 403 -2.16 -6.00 -8.27
C LYS A 403 -2.68 -5.91 -9.70
N LYS A 404 -1.95 -6.53 -10.63
CA LYS A 404 -2.31 -6.52 -12.05
C LYS A 404 -3.58 -7.28 -12.36
N LYS A 405 -3.68 -8.50 -11.85
CA LYS A 405 -4.87 -9.30 -12.10
C LYS A 405 -6.07 -8.69 -11.38
N LEU A 406 -5.80 -8.08 -10.21
CA LEU A 406 -6.86 -7.45 -9.44
C LEU A 406 -7.52 -6.36 -10.26
N ALA A 407 -6.70 -5.53 -10.92
CA ALA A 407 -7.22 -4.44 -11.73
C ALA A 407 -8.10 -5.00 -12.85
N GLU A 408 -7.64 -6.06 -13.52
CA GLU A 408 -8.43 -6.66 -14.59
C GLU A 408 -9.79 -7.10 -14.07
N ARG A 409 -9.82 -7.71 -12.89
CA ARG A 409 -11.10 -8.15 -12.32
C ARG A 409 -12.01 -6.96 -12.09
N LEU A 410 -11.46 -5.90 -11.49
CA LEU A 410 -12.22 -4.70 -11.22
C LEU A 410 -12.70 -4.04 -12.51
N LYS A 411 -11.82 -4.00 -13.51
CA LYS A 411 -12.18 -3.40 -14.79
C LYS A 411 -13.41 -4.07 -15.37
N ALA A 412 -13.45 -5.40 -15.32
CA ALA A 412 -14.57 -6.18 -15.84
C ALA A 412 -15.88 -6.00 -15.08
N LYS A 413 -15.80 -5.70 -13.79
CA LYS A 413 -16.99 -5.51 -12.98
C LYS A 413 -17.49 -4.06 -12.97
N LEU A 414 -16.60 -3.14 -13.36
CA LEU A 414 -16.92 -1.71 -13.40
C LEU A 414 -16.45 -1.08 -14.71
N PRO A 415 -17.21 -1.30 -15.80
CA PRO A 415 -16.87 -0.77 -17.12
C PRO A 415 -16.83 0.76 -17.25
N ASP A 416 -17.71 1.46 -16.52
CA ASP A 416 -17.78 2.92 -16.59
C ASP A 416 -16.89 3.62 -15.55
N ALA A 417 -15.99 2.86 -14.93
CA ALA A 417 -15.10 3.43 -13.93
C ALA A 417 -13.92 4.17 -14.56
N THR A 418 -13.64 5.38 -14.06
CA THR A 418 -12.52 6.16 -14.57
C THR A 418 -11.26 5.47 -14.06
N PRO A 419 -10.13 5.67 -14.73
CA PRO A 419 -8.89 5.02 -14.27
C PRO A 419 -8.51 5.41 -12.84
N THR A 420 -8.93 6.61 -12.42
CA THR A 420 -8.64 7.10 -11.08
C THR A 420 -9.42 6.29 -10.04
N GLU A 421 -10.69 6.06 -10.33
CA GLU A 421 -11.54 5.28 -9.44
C GLU A 421 -11.00 3.85 -9.35
N LEU A 422 -10.54 3.31 -10.47
CA LEU A 422 -9.99 1.96 -10.47
C LEU A 422 -8.70 1.92 -9.64
N ALA A 423 -7.87 2.96 -9.78
CA ALA A 423 -6.63 3.01 -9.01
C ALA A 423 -6.90 3.00 -7.51
N LYS A 424 -7.86 3.80 -7.06
CA LYS A 424 -8.22 3.89 -5.66
C LYS A 424 -8.72 2.56 -5.08
N LEU A 425 -9.55 1.86 -5.84
CA LEU A 425 -10.09 0.58 -5.40
C LEU A 425 -8.97 -0.44 -5.36
N VAL A 426 -8.10 -0.42 -6.36
CA VAL A 426 -6.99 -1.35 -6.40
C VAL A 426 -6.11 -1.10 -5.17
N ASN A 427 -5.89 0.17 -4.84
CA ASN A 427 -5.06 0.52 -3.69
C ASN A 427 -5.69 0.00 -2.41
N LYS A 428 -6.96 0.36 -2.18
CA LYS A 428 -7.68 -0.08 -0.98
C LYS A 428 -7.73 -1.61 -0.82
N ARG A 429 -8.20 -2.29 -1.87
CA ARG A 429 -8.32 -3.75 -1.84
C ARG A 429 -6.98 -4.49 -1.75
N SER A 430 -5.91 -3.90 -2.29
CA SER A 430 -4.62 -4.55 -2.23
C SER A 430 -4.02 -4.30 -0.85
N ASP A 431 -4.46 -3.22 -0.21
CA ASP A 431 -3.98 -2.91 1.12
C ASP A 431 -4.59 -3.93 2.08
N PHE A 432 -5.90 -4.16 1.94
CA PHE A 432 -6.60 -5.12 2.78
C PHE A 432 -6.00 -6.51 2.63
N ALA A 433 -5.81 -6.93 1.38
CA ALA A 433 -5.27 -8.25 1.07
C ALA A 433 -3.84 -8.50 1.53
N SER A 434 -3.05 -7.44 1.68
CA SER A 434 -1.67 -7.61 2.12
C SER A 434 -1.65 -7.76 3.63
N ASN A 435 -2.70 -7.26 4.25
CA ASN A 435 -2.82 -7.32 5.70
C ASN A 435 -3.63 -8.53 6.19
N CYS A 436 -4.64 -8.93 5.42
CA CYS A 436 -5.50 -10.01 5.85
C CYS A 436 -5.71 -11.21 4.97
N CYS A 437 -4.81 -11.48 4.03
CA CYS A 437 -4.98 -12.66 3.19
C CYS A 437 -3.79 -13.60 3.30
N SER A 438 -2.84 -13.25 4.16
CA SER A 438 -1.64 -14.08 4.38
C SER A 438 -1.94 -15.06 5.50
N ILE A 439 -1.15 -16.12 5.60
CA ILE A 439 -1.38 -17.11 6.64
C ILE A 439 -1.19 -16.52 8.03
N ASN A 440 -0.28 -15.56 8.17
CA ASN A 440 -0.04 -14.95 9.48
C ASN A 440 -0.56 -13.53 9.61
N SER A 441 -1.79 -13.29 9.16
CA SER A 441 -2.38 -11.97 9.25
C SER A 441 -2.73 -11.64 10.71
N PRO A 442 -2.71 -10.35 11.10
CA PRO A 442 -3.01 -9.89 12.46
C PRO A 442 -4.49 -10.06 12.81
N PRO A 443 -4.79 -10.96 13.77
CA PRO A 443 -6.14 -11.29 14.24
C PRO A 443 -7.02 -10.09 14.60
N LEU A 444 -6.53 -9.25 15.51
CA LEU A 444 -7.32 -8.10 15.96
C LEU A 444 -7.60 -7.09 14.85
N TYR A 445 -6.56 -6.70 14.11
CA TYR A 445 -6.70 -5.75 13.03
C TYR A 445 -7.65 -6.28 11.95
N CYS A 446 -7.44 -7.52 11.54
CA CYS A 446 -8.28 -8.09 10.50
C CYS A 446 -9.71 -8.38 10.90
N ASP A 447 -9.93 -8.67 12.18
CA ASP A 447 -11.28 -8.96 12.61
C ASP A 447 -12.21 -7.82 12.19
N SER A 448 -11.80 -6.59 12.49
CA SER A 448 -12.60 -5.42 12.13
C SER A 448 -12.53 -5.07 10.65
N GLU A 449 -11.37 -5.23 10.03
CA GLU A 449 -11.25 -4.93 8.61
C GLU A 449 -12.09 -5.89 7.77
N ILE A 450 -12.18 -7.14 8.21
CA ILE A 450 -12.97 -8.15 7.51
C ILE A 450 -14.46 -7.81 7.61
N ASP A 451 -14.89 -7.37 8.78
CA ASP A 451 -16.30 -7.02 8.95
C ASP A 451 -16.71 -5.99 7.89
N ALA A 452 -15.87 -4.96 7.72
CA ALA A 452 -16.14 -3.90 6.75
C ALA A 452 -16.13 -4.40 5.30
N GLU A 453 -15.07 -5.10 4.91
CA GLU A 453 -14.96 -5.62 3.55
C GLU A 453 -16.08 -6.59 3.18
N LEU A 454 -16.66 -7.27 4.17
CA LEU A 454 -17.74 -8.21 3.89
C LEU A 454 -18.97 -7.51 3.31
N LYS A 455 -19.27 -6.33 3.82
CA LYS A 455 -20.42 -5.56 3.33
C LYS A 455 -19.95 -4.60 2.24
N ASN A 456 -19.05 -5.07 1.38
CA ASN A 456 -18.50 -4.26 0.30
C ASN A 456 -18.81 -4.85 -1.08
N ILE A 457 -18.83 -3.96 -2.07
CA ILE A 457 -19.10 -4.33 -3.46
C ILE A 457 -20.38 -5.13 -3.60
N ARG B 3 -17.28 10.21 -52.10
CA ARG B 3 -16.45 11.45 -52.17
C ARG B 3 -16.61 12.29 -50.91
N GLY B 4 -17.65 11.99 -50.14
CA GLY B 4 -17.92 12.73 -48.92
C GLY B 4 -18.25 11.84 -47.73
N ARG B 5 -19.16 10.90 -47.95
CA ARG B 5 -19.57 9.97 -46.89
C ARG B 5 -18.58 8.83 -46.76
N ASP B 6 -17.46 8.94 -47.47
CA ASP B 6 -16.43 7.91 -47.43
C ASP B 6 -15.14 8.43 -46.82
N TYR B 7 -15.25 9.44 -45.98
CA TYR B 7 -14.09 10.03 -45.31
C TYR B 7 -13.41 8.93 -44.52
N GLU B 8 -14.22 7.98 -44.04
CA GLU B 8 -13.75 6.85 -43.24
C GLU B 8 -13.83 5.54 -44.01
N LYS B 9 -15.02 5.25 -44.55
CA LYS B 9 -15.25 4.01 -45.30
C LYS B 9 -14.08 3.64 -46.21
N ASN B 10 -13.76 4.53 -47.14
CA ASN B 10 -12.65 4.28 -48.07
C ASN B 10 -11.31 4.37 -47.33
N LYS B 11 -11.22 5.32 -46.41
CA LYS B 11 -10.00 5.54 -45.63
C LYS B 11 -9.51 4.30 -44.88
N VAL B 12 -10.44 3.53 -44.33
CA VAL B 12 -10.06 2.32 -43.59
C VAL B 12 -9.71 1.16 -44.52
N CYS B 13 -10.40 1.09 -45.67
CA CYS B 13 -10.14 0.02 -46.63
C CYS B 13 -8.76 0.19 -47.25
N LYS B 14 -8.30 1.44 -47.34
CA LYS B 14 -6.99 1.74 -47.89
C LYS B 14 -5.91 1.09 -47.02
N GLU B 15 -6.03 1.26 -45.71
CA GLU B 15 -5.07 0.70 -44.77
C GLU B 15 -5.14 -0.82 -44.74
N PHE B 16 -6.34 -1.36 -44.68
CA PHE B 16 -6.52 -2.82 -44.64
C PHE B 16 -5.87 -3.48 -45.86
N SER B 17 -5.84 -2.75 -46.98
CA SER B 17 -5.26 -3.26 -48.20
C SER B 17 -3.75 -3.05 -48.19
N HIS B 18 -3.33 -1.84 -47.82
CA HIS B 18 -1.92 -1.48 -47.76
C HIS B 18 -1.14 -2.26 -46.70
N LEU B 19 -1.68 -2.34 -45.49
CA LEU B 19 -1.03 -3.03 -44.39
C LEU B 19 -1.18 -4.54 -44.41
N GLY B 20 -2.36 -4.99 -44.83
CA GLY B 20 -2.65 -6.41 -44.84
C GLY B 20 -3.51 -6.71 -43.64
N LYS B 21 -4.12 -7.89 -43.58
CA LYS B 21 -4.99 -8.22 -42.47
C LYS B 21 -4.27 -8.30 -41.12
N GLU B 22 -3.16 -9.01 -41.05
CA GLU B 22 -2.42 -9.14 -39.80
C GLU B 22 -1.94 -7.80 -39.25
N ASP B 23 -1.19 -7.06 -40.05
CA ASP B 23 -0.69 -5.76 -39.61
C ASP B 23 -1.81 -4.78 -39.35
N PHE B 24 -2.93 -4.94 -40.04
CA PHE B 24 -4.06 -4.04 -39.82
C PHE B 24 -4.66 -4.40 -38.47
N THR B 25 -4.63 -5.70 -38.16
CA THR B 25 -5.16 -6.19 -36.89
C THR B 25 -4.25 -5.72 -35.77
N SER B 26 -2.94 -5.88 -35.96
CA SER B 26 -1.98 -5.44 -34.95
C SER B 26 -2.14 -3.95 -34.67
N LEU B 27 -2.23 -3.15 -35.72
CA LEU B 27 -2.38 -1.72 -35.58
C LEU B 27 -3.69 -1.40 -34.87
N SER B 28 -4.74 -2.16 -35.16
CA SER B 28 -6.03 -1.94 -34.53
C SER B 28 -5.93 -2.23 -33.04
N LEU B 29 -5.20 -3.30 -32.70
CA LEU B 29 -5.01 -3.71 -31.32
C LEU B 29 -4.34 -2.58 -30.54
N VAL B 30 -3.30 -2.00 -31.12
CA VAL B 30 -2.60 -0.90 -30.47
C VAL B 30 -3.51 0.32 -30.37
N LEU B 31 -4.15 0.66 -31.47
CA LEU B 31 -5.04 1.83 -31.51
C LEU B 31 -6.14 1.78 -30.46
N TYR B 32 -6.84 0.65 -30.37
CA TYR B 32 -7.93 0.55 -29.40
C TYR B 32 -7.46 0.37 -27.97
N SER B 33 -6.30 -0.23 -27.77
CA SER B 33 -5.77 -0.39 -26.43
C SER B 33 -5.48 1.01 -25.87
N ARG B 34 -4.96 1.90 -26.72
CA ARG B 34 -4.66 3.29 -26.30
C ARG B 34 -5.96 4.00 -25.92
N LYS B 35 -6.95 3.84 -26.78
CA LYS B 35 -8.25 4.48 -26.61
C LYS B 35 -9.02 3.97 -25.38
N PHE B 36 -8.81 2.70 -25.01
CA PHE B 36 -9.51 2.15 -23.85
C PHE B 36 -8.53 1.69 -22.78
N PRO B 37 -7.98 2.66 -22.02
CA PRO B 37 -7.02 2.43 -20.94
C PRO B 37 -7.46 1.39 -19.91
N SER B 38 -8.77 1.33 -19.66
CA SER B 38 -9.32 0.38 -18.70
C SER B 38 -9.98 -0.86 -19.31
N GLY B 39 -9.85 -1.02 -20.62
CA GLY B 39 -10.44 -2.18 -21.27
C GLY B 39 -9.58 -3.43 -21.06
N THR B 40 -10.22 -4.55 -20.77
CA THR B 40 -9.49 -5.80 -20.56
C THR B 40 -8.97 -6.34 -21.87
N PHE B 41 -8.03 -7.27 -21.80
CA PHE B 41 -7.45 -7.88 -22.98
C PHE B 41 -8.54 -8.52 -23.86
N GLU B 42 -9.49 -9.18 -23.20
CA GLU B 42 -10.60 -9.84 -23.90
C GLU B 42 -11.49 -8.83 -24.61
N GLN B 43 -11.89 -7.78 -23.89
CA GLN B 43 -12.76 -6.76 -24.49
C GLN B 43 -12.10 -6.06 -25.67
N VAL B 44 -10.86 -5.60 -25.49
CA VAL B 44 -10.18 -4.93 -26.58
C VAL B 44 -9.99 -5.90 -27.75
N SER B 45 -9.59 -7.13 -27.44
CA SER B 45 -9.38 -8.15 -28.47
C SER B 45 -10.67 -8.41 -29.24
N GLN B 46 -11.78 -8.50 -28.52
CA GLN B 46 -13.07 -8.74 -29.12
C GLN B 46 -13.49 -7.57 -30.01
N LEU B 47 -13.28 -6.35 -29.55
CA LEU B 47 -13.61 -5.17 -30.33
C LEU B 47 -12.78 -5.14 -31.61
N VAL B 48 -11.50 -5.48 -31.49
CA VAL B 48 -10.61 -5.49 -32.63
C VAL B 48 -11.07 -6.48 -33.68
N LYS B 49 -11.54 -7.64 -33.23
CA LYS B 49 -12.02 -8.68 -34.13
C LYS B 49 -13.18 -8.17 -34.97
N GLU B 50 -14.20 -7.61 -34.31
CA GLU B 50 -15.37 -7.07 -35.00
C GLU B 50 -14.97 -6.01 -36.01
N VAL B 51 -14.09 -5.10 -35.58
CA VAL B 51 -13.61 -4.04 -36.46
C VAL B 51 -12.92 -4.60 -37.69
N VAL B 52 -12.10 -5.64 -37.49
CA VAL B 52 -11.39 -6.25 -38.60
C VAL B 52 -12.36 -7.03 -39.51
N SER B 53 -13.24 -7.82 -38.92
CA SER B 53 -14.20 -8.59 -39.71
C SER B 53 -15.19 -7.64 -40.39
N LEU B 54 -15.34 -6.46 -39.83
CA LEU B 54 -16.23 -5.44 -40.36
C LEU B 54 -15.55 -4.71 -41.51
N THR B 55 -14.24 -4.60 -41.44
CA THR B 55 -13.47 -3.92 -42.47
C THR B 55 -13.22 -4.86 -43.66
N GLU B 56 -12.80 -6.08 -43.37
CA GLU B 56 -12.52 -7.07 -44.41
C GLU B 56 -13.73 -7.23 -45.33
N ALA B 57 -14.72 -7.99 -44.89
CA ALA B 57 -15.93 -8.21 -45.67
C ALA B 57 -16.82 -6.96 -45.58
N CYS B 58 -16.48 -5.95 -46.37
CA CYS B 58 -17.22 -4.69 -46.36
C CYS B 58 -16.42 -3.77 -47.29
N CYS B 59 -15.20 -4.21 -47.58
CA CYS B 59 -14.30 -3.50 -48.49
C CYS B 59 -14.18 -4.38 -49.73
N ALA B 60 -14.64 -5.63 -49.59
CA ALA B 60 -14.60 -6.60 -50.67
C ALA B 60 -15.79 -6.44 -51.60
N GLU B 61 -15.59 -6.79 -52.86
CA GLU B 61 -16.65 -6.69 -53.87
C GLU B 61 -17.88 -7.49 -53.48
N GLY B 62 -19.04 -6.86 -53.59
CA GLY B 62 -20.28 -7.51 -53.24
C GLY B 62 -21.28 -6.48 -52.78
N ALA B 63 -20.99 -5.83 -51.66
CA ALA B 63 -21.86 -4.80 -51.12
C ALA B 63 -21.14 -3.47 -51.05
N ASP B 64 -20.89 -2.86 -52.20
CA ASP B 64 -20.20 -1.57 -52.28
C ASP B 64 -20.97 -0.56 -51.41
N PRO B 65 -20.45 0.69 -51.27
CA PRO B 65 -21.12 1.71 -50.44
C PRO B 65 -22.53 1.35 -49.98
N ASP B 66 -22.57 0.52 -48.94
CA ASP B 66 -23.81 0.04 -48.34
C ASP B 66 -23.44 -0.38 -46.92
N CYS B 67 -22.42 -1.22 -46.82
CA CYS B 67 -21.92 -1.70 -45.52
C CYS B 67 -21.19 -0.54 -44.85
N TYR B 68 -20.44 -0.83 -43.79
CA TYR B 68 -19.69 0.19 -43.05
C TYR B 68 -20.54 1.44 -42.88
N ASP B 69 -21.46 1.35 -41.93
CA ASP B 69 -22.40 2.41 -41.61
C ASP B 69 -23.51 1.64 -40.93
N THR B 70 -23.90 0.54 -41.56
CA THR B 70 -24.93 -0.35 -41.06
C THR B 70 -24.21 -1.33 -40.14
N ARG B 71 -23.00 -1.69 -40.54
CA ARG B 71 -22.19 -2.62 -39.78
C ARG B 71 -21.59 -1.90 -38.58
N THR B 72 -21.22 -0.64 -38.78
CA THR B 72 -20.64 0.18 -37.72
C THR B 72 -21.71 0.53 -36.68
N SER B 73 -22.92 0.78 -37.15
CA SER B 73 -24.03 1.15 -36.28
C SER B 73 -24.39 0.00 -35.35
N ALA B 74 -24.17 -1.23 -35.80
CA ALA B 74 -24.47 -2.39 -34.98
C ALA B 74 -23.38 -2.56 -33.94
N LEU B 75 -22.24 -1.94 -34.19
CA LEU B 75 -21.11 -2.00 -33.28
C LEU B 75 -21.44 -1.08 -32.11
N SER B 76 -21.80 0.16 -32.42
CA SER B 76 -22.18 1.14 -31.40
C SER B 76 -23.30 0.53 -30.57
N ALA B 77 -24.29 -0.02 -31.24
CA ALA B 77 -25.42 -0.64 -30.56
C ALA B 77 -24.93 -1.73 -29.62
N LYS B 78 -23.96 -2.52 -30.09
CA LYS B 78 -23.42 -3.59 -29.28
C LYS B 78 -22.72 -3.11 -28.03
N SER B 79 -22.19 -1.90 -28.07
CA SER B 79 -21.49 -1.33 -26.92
C SER B 79 -22.44 -0.85 -25.82
N CYS B 80 -23.73 -0.79 -26.13
CA CYS B 80 -24.71 -0.35 -25.13
C CYS B 80 -25.28 -1.47 -24.29
N GLU B 81 -25.04 -2.72 -24.67
CA GLU B 81 -25.54 -3.87 -23.91
C GLU B 81 -25.02 -3.79 -22.48
N SER B 82 -25.92 -3.99 -21.52
CA SER B 82 -25.56 -3.93 -20.10
C SER B 82 -24.51 -4.96 -19.71
N ASN B 83 -23.94 -5.61 -20.72
CA ASN B 83 -22.91 -6.62 -20.50
C ASN B 83 -22.08 -6.71 -21.77
N SER B 84 -22.04 -5.61 -22.52
CA SER B 84 -21.30 -5.55 -23.77
C SER B 84 -19.92 -6.17 -23.67
N PRO B 85 -19.52 -6.93 -24.71
CA PRO B 85 -18.22 -7.61 -24.78
C PRO B 85 -17.12 -6.62 -25.13
N PHE B 86 -17.52 -5.42 -25.55
CA PHE B 86 -16.58 -4.37 -25.94
C PHE B 86 -16.22 -3.41 -24.82
N PRO B 87 -15.03 -2.78 -24.91
CA PRO B 87 -14.59 -1.83 -23.89
C PRO B 87 -15.51 -0.63 -24.01
N VAL B 88 -15.55 0.22 -23.00
CA VAL B 88 -16.41 1.39 -23.05
C VAL B 88 -15.86 2.54 -22.20
N HIS B 89 -16.06 3.77 -22.70
CA HIS B 89 -15.61 4.95 -22.00
C HIS B 89 -16.59 5.28 -20.86
N PRO B 90 -16.17 6.10 -19.90
CA PRO B 90 -17.12 6.41 -18.83
C PRO B 90 -18.24 7.26 -19.44
N GLY B 91 -19.47 6.97 -19.06
CA GLY B 91 -20.59 7.74 -19.58
C GLY B 91 -21.19 7.24 -20.88
N THR B 92 -20.63 6.16 -21.42
CA THR B 92 -21.17 5.61 -22.66
C THR B 92 -22.62 5.19 -22.43
N ALA B 93 -22.81 4.30 -21.46
CA ALA B 93 -24.14 3.82 -21.12
C ALA B 93 -24.99 5.01 -20.67
N GLU B 94 -24.34 5.96 -20.00
CA GLU B 94 -25.01 7.15 -19.50
C GLU B 94 -25.68 7.92 -20.62
N CYS B 95 -25.37 7.57 -21.86
CA CYS B 95 -25.97 8.23 -23.00
C CYS B 95 -26.37 7.26 -24.11
N CYS B 96 -26.82 6.07 -23.70
CA CYS B 96 -27.28 5.07 -24.65
C CYS B 96 -28.81 5.26 -24.67
N THR B 97 -29.23 6.36 -24.06
CA THR B 97 -30.64 6.71 -23.97
C THR B 97 -30.84 8.21 -24.19
N LEU B 105 -22.73 11.02 -32.91
CA LEU B 105 -23.18 10.16 -31.79
C LEU B 105 -22.51 10.60 -30.50
N CYS B 106 -23.07 10.19 -29.36
CA CYS B 106 -22.52 10.53 -28.06
C CYS B 106 -21.28 9.69 -27.75
N MET B 107 -21.34 8.41 -28.10
CA MET B 107 -20.23 7.49 -27.87
C MET B 107 -19.00 7.85 -28.71
N ALA B 108 -19.08 8.99 -29.40
CA ALA B 108 -17.99 9.48 -30.23
C ALA B 108 -17.50 10.78 -29.60
N ALA B 109 -18.36 11.37 -28.77
CA ALA B 109 -18.05 12.61 -28.08
C ALA B 109 -17.51 12.34 -26.68
N LEU B 110 -17.15 11.09 -26.41
CA LEU B 110 -16.62 10.70 -25.12
C LEU B 110 -15.10 10.64 -25.16
N LYS B 111 -14.47 10.96 -24.03
CA LYS B 111 -13.01 10.95 -23.94
C LYS B 111 -12.53 10.02 -22.82
N HIS B 112 -11.28 9.59 -22.94
CA HIS B 112 -10.70 8.72 -21.93
C HIS B 112 -9.61 9.51 -21.19
N GLN B 113 -9.34 9.14 -19.94
CA GLN B 113 -8.33 9.83 -19.16
C GLN B 113 -7.00 9.07 -19.17
N PRO B 114 -5.90 9.75 -18.80
CA PRO B 114 -4.58 9.10 -18.79
C PRO B 114 -4.51 8.02 -17.70
N GLN B 115 -3.53 7.13 -17.83
CA GLN B 115 -3.30 6.08 -16.85
C GLN B 115 -2.17 6.63 -16.01
N GLU B 116 -2.44 6.93 -14.73
CA GLU B 116 -1.41 7.47 -13.85
C GLU B 116 -0.70 6.39 -13.05
N PHE B 117 -1.25 5.17 -13.09
CA PHE B 117 -0.66 4.06 -12.35
C PHE B 117 -0.32 2.88 -13.26
N PRO B 118 0.76 3.00 -14.03
CA PRO B 118 1.20 1.94 -14.94
C PRO B 118 1.57 0.69 -14.13
N THR B 119 1.18 -0.48 -14.59
CA THR B 119 1.53 -1.70 -13.87
C THR B 119 2.36 -2.64 -14.74
N TYR B 120 2.81 -2.15 -15.89
CA TYR B 120 3.62 -2.97 -16.78
C TYR B 120 5.04 -3.16 -16.25
N VAL B 121 5.45 -4.42 -16.15
CA VAL B 121 6.80 -4.75 -15.69
C VAL B 121 7.36 -5.84 -16.60
N GLU B 122 8.47 -5.55 -17.26
CA GLU B 122 9.07 -6.52 -18.17
C GLU B 122 9.58 -7.72 -17.37
N PRO B 123 9.12 -8.92 -17.73
CA PRO B 123 9.52 -10.17 -17.06
C PRO B 123 10.99 -10.49 -17.36
N THR B 124 11.47 -11.61 -16.81
CA THR B 124 12.84 -12.03 -17.04
C THR B 124 12.94 -12.66 -18.43
N ASN B 125 14.16 -12.79 -18.93
CA ASN B 125 14.39 -13.39 -20.24
C ASN B 125 13.77 -14.79 -20.31
N ASP B 126 13.94 -15.57 -19.25
CA ASP B 126 13.40 -16.92 -19.19
C ASP B 126 11.88 -16.87 -19.31
N GLU B 127 11.26 -16.02 -18.51
CA GLU B 127 9.80 -15.89 -18.53
C GLU B 127 9.32 -15.45 -19.91
N ILE B 128 10.03 -14.48 -20.49
CA ILE B 128 9.64 -13.99 -21.81
C ILE B 128 9.64 -15.12 -22.83
N CYS B 129 10.78 -15.79 -22.98
CA CYS B 129 10.86 -16.88 -23.95
C CYS B 129 9.94 -18.05 -23.61
N GLU B 130 9.70 -18.27 -22.31
CA GLU B 130 8.81 -19.33 -21.87
C GLU B 130 7.45 -19.06 -22.49
N ALA B 131 6.97 -17.83 -22.30
CA ALA B 131 5.68 -17.42 -22.83
C ALA B 131 5.67 -17.43 -24.35
N PHE B 132 6.69 -16.80 -24.94
CA PHE B 132 6.80 -16.71 -26.40
C PHE B 132 6.76 -18.07 -27.10
N ARG B 133 7.44 -19.04 -26.51
CA ARG B 133 7.48 -20.38 -27.08
C ARG B 133 6.13 -21.09 -26.95
N LYS B 134 5.51 -20.98 -25.78
CA LYS B 134 4.21 -21.63 -25.57
C LYS B 134 3.18 -21.16 -26.60
N ASP B 135 3.12 -19.85 -26.84
CA ASP B 135 2.17 -19.28 -27.80
C ASP B 135 2.63 -17.89 -28.26
N PRO B 136 3.45 -17.84 -29.33
CA PRO B 136 4.01 -16.63 -29.95
C PRO B 136 3.00 -15.52 -30.27
N LYS B 137 1.88 -15.89 -30.87
CA LYS B 137 0.87 -14.91 -31.25
C LYS B 137 0.16 -14.33 -30.02
N GLU B 138 -0.23 -15.19 -29.08
CA GLU B 138 -0.91 -14.73 -27.88
C GLU B 138 0.03 -13.82 -27.10
N TYR B 139 1.32 -14.15 -27.09
CA TYR B 139 2.32 -13.35 -26.39
C TYR B 139 2.39 -11.94 -26.97
N ALA B 140 2.46 -11.84 -28.29
CA ALA B 140 2.54 -10.57 -28.99
C ALA B 140 1.28 -9.73 -28.79
N ASN B 141 0.13 -10.39 -28.86
CA ASN B 141 -1.13 -9.71 -28.68
C ASN B 141 -1.24 -9.16 -27.27
N GLN B 142 -0.90 -9.99 -26.29
CA GLN B 142 -0.98 -9.60 -24.90
C GLN B 142 0.01 -8.46 -24.64
N PHE B 143 1.22 -8.58 -25.18
CA PHE B 143 2.20 -7.53 -24.97
C PHE B 143 1.74 -6.21 -25.60
N MET B 144 1.26 -6.26 -26.85
CA MET B 144 0.80 -5.05 -27.53
C MET B 144 -0.34 -4.42 -26.76
N TRP B 145 -1.27 -5.24 -26.27
CA TRP B 145 -2.39 -4.73 -25.51
C TRP B 145 -1.92 -4.11 -24.20
N GLU B 146 -1.09 -4.85 -23.45
CA GLU B 146 -0.64 -4.35 -22.16
C GLU B 146 0.22 -3.10 -22.24
N TYR B 147 1.18 -3.10 -23.15
CA TYR B 147 2.06 -1.96 -23.27
C TYR B 147 1.32 -0.70 -23.69
N SER B 148 0.42 -0.84 -24.64
CA SER B 148 -0.37 0.27 -25.18
C SER B 148 -1.45 0.82 -24.27
N THR B 149 -2.04 -0.02 -23.43
CA THR B 149 -3.05 0.47 -22.49
C THR B 149 -2.33 1.16 -21.32
N ASN B 150 -1.09 0.75 -21.08
CA ASN B 150 -0.31 1.33 -19.99
C ASN B 150 0.35 2.66 -20.37
N TYR B 151 0.87 2.75 -21.59
CA TYR B 151 1.52 3.97 -22.06
C TYR B 151 0.79 4.59 -23.25
N GLY B 152 -0.54 4.62 -23.13
CA GLY B 152 -1.39 5.12 -24.19
C GLY B 152 -1.35 6.60 -24.57
N GLN B 153 -0.69 7.44 -23.79
CA GLN B 153 -0.61 8.86 -24.11
C GLN B 153 0.55 9.12 -25.06
N ALA B 154 1.38 8.10 -25.29
CA ALA B 154 2.49 8.24 -26.23
C ALA B 154 1.82 8.13 -27.60
N PRO B 155 2.44 8.68 -28.65
CA PRO B 155 1.85 8.60 -29.99
C PRO B 155 1.58 7.18 -30.48
N LEU B 156 0.40 6.98 -31.08
CA LEU B 156 0.04 5.68 -31.64
C LEU B 156 1.21 5.16 -32.48
N SER B 157 1.71 6.03 -33.34
CA SER B 157 2.83 5.71 -34.23
C SER B 157 4.07 5.19 -33.50
N LEU B 158 4.37 5.80 -32.35
CA LEU B 158 5.54 5.38 -31.58
C LEU B 158 5.30 4.01 -30.95
N LEU B 159 4.10 3.82 -30.40
CA LEU B 159 3.75 2.56 -29.77
C LEU B 159 3.81 1.41 -30.77
N VAL B 160 3.33 1.66 -31.98
CA VAL B 160 3.36 0.63 -33.01
C VAL B 160 4.83 0.27 -33.28
N SER B 161 5.65 1.30 -33.49
CA SER B 161 7.06 1.09 -33.80
C SER B 161 7.81 0.37 -32.67
N TYR B 162 7.66 0.84 -31.44
CA TYR B 162 8.36 0.18 -30.34
C TYR B 162 7.94 -1.27 -30.10
N THR B 163 6.64 -1.50 -29.96
CA THR B 163 6.18 -2.86 -29.72
C THR B 163 6.58 -3.80 -30.85
N LYS B 164 6.65 -3.27 -32.07
CA LYS B 164 7.06 -4.05 -33.23
C LYS B 164 8.55 -4.42 -33.07
N SER B 165 9.39 -3.43 -32.77
CA SER B 165 10.82 -3.67 -32.61
C SER B 165 11.07 -4.56 -31.39
N TYR B 166 10.26 -4.35 -30.35
CA TYR B 166 10.40 -5.15 -29.15
C TYR B 166 10.10 -6.61 -29.46
N LEU B 167 8.99 -6.86 -30.16
CA LEU B 167 8.63 -8.22 -30.50
C LEU B 167 9.64 -8.82 -31.49
N SER B 168 10.29 -7.97 -32.27
CA SER B 168 11.30 -8.45 -33.20
C SER B 168 12.48 -9.00 -32.38
N MET B 169 12.83 -8.27 -31.32
CA MET B 169 13.91 -8.68 -30.42
C MET B 169 13.60 -10.00 -29.71
N VAL B 170 12.40 -10.11 -29.16
CA VAL B 170 12.01 -11.34 -28.49
C VAL B 170 12.12 -12.49 -29.49
N GLY B 171 11.58 -12.26 -30.68
CA GLY B 171 11.60 -13.26 -31.73
C GLY B 171 12.99 -13.76 -32.09
N SER B 172 13.97 -12.87 -32.15
CA SER B 172 15.32 -13.31 -32.51
C SER B 172 16.11 -13.81 -31.32
N CYS B 173 15.97 -13.17 -30.17
CA CYS B 173 16.71 -13.60 -29.00
C CYS B 173 16.21 -14.90 -28.39
N CYS B 174 14.91 -15.17 -28.51
CA CYS B 174 14.38 -16.42 -27.96
C CYS B 174 14.69 -17.60 -28.88
N THR B 175 15.21 -17.30 -30.07
CA THR B 175 15.60 -18.34 -31.02
C THR B 175 17.12 -18.26 -31.21
N SER B 176 17.81 -17.71 -30.21
CA SER B 176 19.26 -17.57 -30.26
C SER B 176 19.97 -18.68 -29.50
N ALA B 177 21.28 -18.82 -29.76
CA ALA B 177 22.09 -19.84 -29.10
C ALA B 177 22.58 -19.24 -27.79
N SER B 178 22.59 -17.91 -27.75
CA SER B 178 23.02 -17.15 -26.58
C SER B 178 21.97 -16.08 -26.30
N PRO B 179 20.82 -16.49 -25.74
CA PRO B 179 19.74 -15.55 -25.42
C PRO B 179 20.21 -14.34 -24.63
N THR B 180 20.93 -14.60 -23.53
CA THR B 180 21.43 -13.54 -22.67
C THR B 180 22.20 -12.47 -23.44
N VAL B 181 23.23 -12.88 -24.17
CA VAL B 181 24.03 -11.95 -24.94
C VAL B 181 23.16 -11.23 -25.98
N CYS B 182 22.27 -11.99 -26.61
CA CYS B 182 21.39 -11.42 -27.63
C CYS B 182 20.52 -10.32 -27.02
N PHE B 183 19.89 -10.62 -25.88
CA PHE B 183 19.02 -9.65 -25.21
C PHE B 183 19.75 -8.39 -24.76
N LEU B 184 20.85 -8.57 -24.03
CA LEU B 184 21.60 -7.43 -23.53
C LEU B 184 22.05 -6.54 -24.69
N LYS B 185 22.32 -7.16 -25.83
CA LYS B 185 22.76 -6.43 -27.00
C LYS B 185 21.64 -5.68 -27.71
N GLU B 186 20.49 -6.33 -27.89
CA GLU B 186 19.37 -5.68 -28.56
C GLU B 186 18.60 -4.69 -27.68
N ARG B 187 18.58 -4.93 -26.36
CA ARG B 187 17.91 -4.00 -25.47
C ARG B 187 18.63 -2.66 -25.57
N LEU B 188 19.96 -2.72 -25.69
CA LEU B 188 20.77 -1.52 -25.81
C LEU B 188 20.34 -0.69 -27.01
N GLN B 189 20.02 -1.37 -28.10
CA GLN B 189 19.58 -0.68 -29.31
C GLN B 189 18.17 -0.14 -29.17
N LEU B 190 17.39 -0.73 -28.25
CA LEU B 190 16.01 -0.31 -28.03
C LEU B 190 15.85 0.60 -26.82
N LYS B 191 16.90 0.78 -26.05
CA LYS B 191 16.83 1.62 -24.86
C LYS B 191 16.31 3.01 -25.18
N HIS B 192 16.86 3.63 -26.22
CA HIS B 192 16.42 4.94 -26.65
C HIS B 192 14.91 4.98 -26.86
N LEU B 193 14.42 4.15 -27.77
CA LEU B 193 13.00 4.09 -28.10
C LEU B 193 12.14 3.76 -26.88
N SER B 194 12.60 2.82 -26.06
CA SER B 194 11.88 2.41 -24.86
C SER B 194 11.65 3.61 -23.95
N LEU B 195 12.73 4.31 -23.64
CA LEU B 195 12.67 5.48 -22.78
C LEU B 195 11.80 6.59 -23.37
N LEU B 196 11.94 6.82 -24.68
CA LEU B 196 11.16 7.86 -25.35
C LEU B 196 9.67 7.57 -25.20
N THR B 197 9.30 6.30 -25.31
CA THR B 197 7.90 5.89 -25.17
C THR B 197 7.32 6.16 -23.77
N THR B 198 8.01 5.70 -22.74
CA THR B 198 7.53 5.91 -21.38
C THR B 198 7.61 7.39 -21.01
N LEU B 199 8.65 8.07 -21.48
CA LEU B 199 8.81 9.49 -21.20
C LEU B 199 7.64 10.28 -21.82
N SER B 200 7.34 10.00 -23.09
CA SER B 200 6.25 10.66 -23.81
C SER B 200 4.94 10.45 -23.10
N ASN B 201 4.63 9.19 -22.82
CA ASN B 201 3.39 8.89 -22.13
C ASN B 201 3.22 9.64 -20.81
N ARG B 202 4.28 9.68 -20.01
CA ARG B 202 4.18 10.35 -18.71
C ARG B 202 3.95 11.84 -18.79
N VAL B 203 4.82 12.56 -19.51
CA VAL B 203 4.65 14.01 -19.58
C VAL B 203 3.33 14.37 -20.26
N CYS B 204 2.93 13.56 -21.24
CA CYS B 204 1.67 13.81 -21.92
C CYS B 204 0.49 13.41 -21.06
N SER B 205 0.68 12.44 -20.17
CA SER B 205 -0.42 12.05 -19.28
C SER B 205 -0.67 13.22 -18.32
N GLN B 206 0.40 13.84 -17.83
CA GLN B 206 0.27 14.98 -16.93
C GLN B 206 -0.38 16.13 -17.70
N TYR B 207 0.06 16.35 -18.93
CA TYR B 207 -0.49 17.40 -19.76
C TYR B 207 -1.99 17.17 -20.00
N ALA B 208 -2.36 15.93 -20.29
CA ALA B 208 -3.76 15.61 -20.56
C ALA B 208 -4.62 15.85 -19.33
N ALA B 209 -4.05 15.64 -18.15
CA ALA B 209 -4.81 15.82 -16.91
C ALA B 209 -4.99 17.29 -16.55
N TYR B 210 -4.00 18.09 -16.87
CA TYR B 210 -4.02 19.51 -16.54
C TYR B 210 -4.60 20.45 -17.61
N GLY B 211 -4.16 20.29 -18.85
CA GLY B 211 -4.60 21.18 -19.90
C GLY B 211 -3.48 22.22 -19.97
N GLU B 212 -3.33 22.87 -21.11
CA GLU B 212 -2.27 23.85 -21.29
C GLU B 212 -2.10 24.89 -20.18
N LYS B 213 -3.19 25.50 -19.75
CA LYS B 213 -3.08 26.52 -18.71
C LYS B 213 -2.54 26.00 -17.38
N LYS B 214 -3.11 24.91 -16.87
CA LYS B 214 -2.61 24.40 -15.61
C LYS B 214 -1.24 23.74 -15.78
N SER B 215 -0.98 23.21 -16.97
CA SER B 215 0.28 22.56 -17.25
C SER B 215 1.42 23.60 -17.17
N ARG B 216 1.21 24.75 -17.80
CA ARG B 216 2.18 25.84 -17.79
C ARG B 216 2.51 26.20 -16.35
N LEU B 217 1.46 26.44 -15.56
CA LEU B 217 1.60 26.80 -14.16
C LEU B 217 2.29 25.71 -13.33
N SER B 218 2.01 24.45 -13.67
CA SER B 218 2.58 23.31 -12.97
C SER B 218 4.10 23.24 -13.22
N ASN B 219 4.47 23.46 -14.47
CA ASN B 219 5.87 23.44 -14.86
C ASN B 219 6.67 24.59 -14.28
N LEU B 220 5.98 25.69 -13.97
CA LEU B 220 6.63 26.86 -13.40
C LEU B 220 6.86 26.56 -11.93
N ILE B 221 5.84 26.00 -11.30
CA ILE B 221 5.93 25.64 -9.89
C ILE B 221 7.07 24.65 -9.64
N LYS B 222 7.17 23.65 -10.51
CA LYS B 222 8.19 22.61 -10.39
C LYS B 222 9.60 23.16 -10.58
N LEU B 223 9.77 24.04 -11.58
CA LEU B 223 11.08 24.64 -11.83
C LEU B 223 11.50 25.49 -10.63
N ALA B 224 10.54 26.22 -10.06
CA ALA B 224 10.83 27.05 -8.90
C ALA B 224 11.27 26.18 -7.72
N GLN B 225 10.62 25.04 -7.54
CA GLN B 225 10.96 24.15 -6.44
C GLN B 225 12.31 23.46 -6.60
N LYS B 226 12.77 23.32 -7.83
CA LYS B 226 14.06 22.68 -8.11
C LYS B 226 15.23 23.66 -8.13
N VAL B 227 14.94 24.95 -8.36
CA VAL B 227 15.98 25.99 -8.36
C VAL B 227 15.42 27.19 -7.62
N PRO B 228 15.15 27.05 -6.31
CA PRO B 228 14.60 28.15 -5.50
C PRO B 228 15.58 29.31 -5.46
N THR B 229 16.76 29.07 -6.03
CA THR B 229 17.84 30.04 -6.07
C THR B 229 17.79 31.06 -7.19
N ALA B 230 17.40 30.60 -8.37
CA ALA B 230 17.32 31.47 -9.54
C ALA B 230 16.17 32.45 -9.40
N ASP B 231 15.98 33.29 -10.41
CA ASP B 231 14.85 34.21 -10.37
C ASP B 231 13.92 33.94 -11.53
N LEU B 232 12.70 34.43 -11.40
CA LEU B 232 11.65 34.25 -12.40
C LEU B 232 12.15 34.23 -13.83
N GLU B 233 12.97 35.20 -14.18
CA GLU B 233 13.50 35.32 -15.53
C GLU B 233 14.32 34.11 -16.01
N ASP B 234 14.87 33.34 -15.08
CA ASP B 234 15.65 32.15 -15.47
C ASP B 234 14.79 30.95 -15.85
N VAL B 235 13.71 30.75 -15.11
CA VAL B 235 12.84 29.59 -15.32
C VAL B 235 11.58 29.77 -16.16
N LEU B 236 10.86 30.88 -15.96
CA LEU B 236 9.63 31.12 -16.73
C LEU B 236 9.73 30.72 -18.21
N PRO B 237 10.75 31.21 -18.95
CA PRO B 237 10.85 30.84 -20.37
C PRO B 237 10.95 29.33 -20.55
N LEU B 238 11.60 28.65 -19.61
CA LEU B 238 11.75 27.20 -19.70
C LEU B 238 10.37 26.54 -19.50
N ALA B 239 9.60 27.06 -18.55
CA ALA B 239 8.26 26.54 -18.27
C ALA B 239 7.36 26.70 -19.49
N GLU B 240 7.46 27.84 -20.16
CA GLU B 240 6.62 28.08 -21.34
C GLU B 240 7.10 27.22 -22.50
N ASP B 241 8.42 27.08 -22.61
CA ASP B 241 8.97 26.28 -23.69
C ASP B 241 8.54 24.82 -23.65
N ILE B 242 8.61 24.17 -22.49
CA ILE B 242 8.21 22.76 -22.39
C ILE B 242 6.71 22.63 -22.60
N THR B 243 5.95 23.59 -22.06
CA THR B 243 4.50 23.59 -22.22
C THR B 243 4.18 23.62 -23.70
N ASN B 244 4.83 24.51 -24.43
CA ASN B 244 4.59 24.60 -25.86
C ASN B 244 4.99 23.29 -26.54
N ILE B 245 6.01 22.63 -26.02
CA ILE B 245 6.44 21.36 -26.62
C ILE B 245 5.37 20.28 -26.37
N LEU B 246 4.77 20.29 -25.18
CA LEU B 246 3.74 19.31 -24.84
C LEU B 246 2.48 19.58 -25.66
N SER B 247 2.03 20.83 -25.65
CA SER B 247 0.84 21.22 -26.40
C SER B 247 0.92 20.74 -27.84
N LYS B 248 2.11 20.81 -28.42
CA LYS B 248 2.30 20.36 -29.79
C LYS B 248 2.42 18.84 -29.92
N CYS B 249 3.48 18.29 -29.34
CA CYS B 249 3.74 16.85 -29.42
C CYS B 249 2.68 15.92 -28.84
N CYS B 250 2.09 16.28 -27.70
CA CYS B 250 1.07 15.42 -27.10
C CYS B 250 -0.21 15.38 -27.92
N GLU B 251 -0.28 16.20 -28.96
CA GLU B 251 -1.49 16.26 -29.79
C GLU B 251 -1.14 16.06 -31.26
N SER B 252 0.08 15.59 -31.48
CA SER B 252 0.57 15.32 -32.82
C SER B 252 0.69 13.82 -33.00
N ALA B 253 0.35 13.34 -34.19
CA ALA B 253 0.43 11.92 -34.47
C ALA B 253 1.87 11.53 -34.79
N SER B 254 2.76 12.51 -34.85
CA SER B 254 4.17 12.24 -35.17
C SER B 254 4.88 11.44 -34.08
N GLU B 255 5.66 10.43 -34.50
CA GLU B 255 6.35 9.58 -33.54
C GLU B 255 7.65 10.13 -32.98
N ASP B 256 8.24 11.13 -33.64
CA ASP B 256 9.49 11.68 -33.14
C ASP B 256 9.43 13.16 -32.74
N CYS B 257 8.22 13.71 -32.70
CA CYS B 257 8.03 15.11 -32.31
C CYS B 257 8.77 15.42 -31.01
N MET B 258 8.65 14.53 -30.04
CA MET B 258 9.28 14.70 -28.74
C MET B 258 10.79 14.59 -28.83
N ALA B 259 11.26 13.58 -29.56
CA ALA B 259 12.68 13.37 -29.74
C ALA B 259 13.33 14.55 -30.48
N LYS B 260 12.53 15.27 -31.27
CA LYS B 260 13.03 16.41 -32.03
C LYS B 260 13.06 17.70 -31.23
N GLU B 261 12.12 17.84 -30.29
CA GLU B 261 12.03 19.04 -29.48
C GLU B 261 12.92 19.06 -28.24
N LEU B 262 13.13 17.89 -27.64
CA LEU B 262 13.94 17.82 -26.42
C LEU B 262 15.36 18.35 -26.51
N PRO B 263 16.07 18.05 -27.61
CA PRO B 263 17.45 18.54 -27.77
C PRO B 263 17.62 20.03 -27.52
N GLU B 264 16.92 20.86 -28.29
CA GLU B 264 17.02 22.29 -28.15
C GLU B 264 16.47 22.75 -26.81
N HIS B 265 15.48 22.03 -26.29
CA HIS B 265 14.92 22.42 -25.01
C HIS B 265 15.96 22.27 -23.91
N THR B 266 16.65 21.13 -23.89
CA THR B 266 17.66 20.91 -22.86
C THR B 266 18.84 21.89 -22.99
N VAL B 267 19.11 22.35 -24.20
CA VAL B 267 20.19 23.32 -24.40
C VAL B 267 19.82 24.61 -23.69
N LYS B 268 18.60 25.09 -23.93
CA LYS B 268 18.15 26.32 -23.30
C LYS B 268 18.14 26.16 -21.78
N LEU B 269 17.73 24.99 -21.31
CA LEU B 269 17.66 24.75 -19.88
C LEU B 269 19.05 24.75 -19.23
N CYS B 270 20.01 24.11 -19.88
CA CYS B 270 21.36 24.07 -19.33
C CYS B 270 22.06 25.42 -19.43
N ASP B 271 21.84 26.15 -20.53
CA ASP B 271 22.47 27.46 -20.69
C ASP B 271 21.96 28.42 -19.62
N ASN B 272 20.74 28.19 -19.15
CA ASN B 272 20.13 29.03 -18.12
C ASN B 272 20.39 28.56 -16.69
N LEU B 273 20.39 27.25 -16.47
CA LEU B 273 20.55 26.73 -15.11
C LEU B 273 21.86 26.06 -14.75
N SER B 274 22.62 25.62 -15.74
CA SER B 274 23.90 24.94 -15.52
C SER B 274 24.77 25.53 -14.41
N THR B 275 24.75 26.86 -14.29
CA THR B 275 25.54 27.54 -13.28
C THR B 275 24.70 28.07 -12.11
N LYS B 276 23.44 27.68 -12.03
CA LYS B 276 22.58 28.15 -10.96
C LYS B 276 22.59 27.25 -9.73
N ASN B 277 22.77 25.95 -9.94
CA ASN B 277 22.88 25.02 -8.82
C ASN B 277 23.46 23.67 -9.23
N SER B 278 23.92 22.93 -8.22
CA SER B 278 24.56 21.64 -8.41
C SER B 278 23.75 20.57 -9.16
N LYS B 279 22.50 20.36 -8.72
CA LYS B 279 21.63 19.35 -9.35
C LYS B 279 21.48 19.57 -10.85
N PHE B 280 21.34 20.81 -11.28
CA PHE B 280 21.19 21.04 -12.71
C PHE B 280 22.49 20.85 -13.45
N GLU B 281 23.62 21.25 -12.85
CA GLU B 281 24.89 21.06 -13.53
C GLU B 281 25.08 19.55 -13.71
N ASP B 282 24.72 18.78 -12.69
CA ASP B 282 24.84 17.32 -12.78
C ASP B 282 23.98 16.81 -13.93
N CYS B 283 22.70 17.16 -13.91
CA CYS B 283 21.79 16.73 -14.96
C CYS B 283 22.32 17.12 -16.33
N CYS B 284 22.84 18.34 -16.44
CA CYS B 284 23.37 18.84 -17.70
C CYS B 284 24.64 18.14 -18.16
N GLN B 285 25.16 17.22 -17.34
CA GLN B 285 26.36 16.49 -17.73
C GLN B 285 25.99 15.16 -18.39
N GLU B 286 24.71 14.78 -18.31
CA GLU B 286 24.23 13.54 -18.91
C GLU B 286 24.68 13.46 -20.37
N LYS B 287 24.75 12.24 -20.89
CA LYS B 287 25.19 11.98 -22.25
C LYS B 287 24.24 12.45 -23.36
N THR B 288 22.94 12.29 -23.16
CA THR B 288 21.98 12.71 -24.19
C THR B 288 20.93 13.66 -23.67
N ALA B 289 20.30 14.38 -24.59
CA ALA B 289 19.27 15.35 -24.25
C ALA B 289 18.16 14.68 -23.46
N MET B 290 17.78 13.49 -23.88
CA MET B 290 16.73 12.76 -23.20
C MET B 290 17.13 12.49 -21.75
N ASP B 291 18.36 12.06 -21.55
CA ASP B 291 18.85 11.80 -20.19
C ASP B 291 18.85 13.08 -19.36
N VAL B 292 19.20 14.21 -19.99
CA VAL B 292 19.20 15.49 -19.28
C VAL B 292 17.78 15.80 -18.84
N PHE B 293 16.85 15.73 -19.79
CA PHE B 293 15.44 16.01 -19.51
C PHE B 293 14.88 15.08 -18.44
N VAL B 294 15.14 13.79 -18.57
CA VAL B 294 14.67 12.81 -17.59
C VAL B 294 15.24 13.17 -16.22
N CYS B 295 16.54 13.46 -16.20
CA CYS B 295 17.21 13.83 -14.97
C CYS B 295 16.61 15.09 -14.37
N THR B 296 16.35 16.10 -15.19
CA THR B 296 15.78 17.34 -14.67
C THR B 296 14.29 17.27 -14.36
N TYR B 297 13.47 17.13 -15.40
CA TYR B 297 12.01 17.08 -15.26
C TYR B 297 11.53 16.21 -14.11
N PHE B 298 12.35 15.25 -13.69
CA PHE B 298 11.97 14.38 -12.58
C PHE B 298 13.02 14.40 -11.44
N MET B 299 13.48 15.61 -11.12
CA MET B 299 14.44 15.88 -10.06
C MET B 299 13.59 16.29 -8.85
N PRO B 300 14.01 15.93 -7.63
CA PRO B 300 13.23 16.28 -6.43
C PRO B 300 13.18 17.78 -6.11
N ALA B 301 12.20 18.16 -5.30
CA ALA B 301 12.07 19.56 -4.87
C ALA B 301 13.32 19.84 -4.02
N ALA B 302 13.97 20.96 -4.28
CA ALA B 302 15.17 21.30 -3.52
C ALA B 302 14.80 21.75 -2.12
N GLN B 303 15.78 21.75 -1.22
CA GLN B 303 15.56 22.20 0.15
C GLN B 303 15.18 23.68 0.00
N LEU B 304 13.94 24.01 0.32
CA LEU B 304 13.46 25.39 0.15
C LEU B 304 13.96 26.38 1.21
N PRO B 305 14.71 27.40 0.77
CA PRO B 305 15.31 28.47 1.57
C PRO B 305 14.39 29.25 2.52
N GLU B 306 13.10 28.92 2.54
CA GLU B 306 12.16 29.64 3.40
C GLU B 306 12.39 31.15 3.24
N LEU B 307 12.52 31.57 1.98
CA LEU B 307 12.75 32.95 1.59
C LEU B 307 11.71 33.92 2.16
N PRO B 308 11.76 35.20 1.76
CA PRO B 308 10.78 36.16 2.27
C PRO B 308 9.36 35.74 1.93
N ASP B 309 8.44 36.06 2.83
CA ASP B 309 7.04 35.72 2.63
C ASP B 309 6.53 36.50 1.42
N VAL B 310 5.56 35.93 0.71
CA VAL B 310 5.00 36.59 -0.45
C VAL B 310 3.56 37.01 -0.19
N GLU B 311 3.21 38.18 -0.68
CA GLU B 311 1.86 38.71 -0.51
C GLU B 311 1.02 38.52 -1.76
N LEU B 312 -0.27 38.26 -1.55
CA LEU B 312 -1.19 38.05 -2.66
C LEU B 312 -1.28 39.30 -3.54
N PRO B 313 -1.21 39.11 -4.86
CA PRO B 313 -1.28 40.23 -5.79
C PRO B 313 -2.65 40.90 -5.72
N THR B 314 -2.69 42.12 -5.17
CA THR B 314 -3.95 42.84 -5.04
C THR B 314 -3.90 44.22 -5.71
N ASN B 315 -4.26 44.25 -6.99
CA ASN B 315 -4.27 45.50 -7.76
C ASN B 315 -4.79 45.29 -9.19
N LYS B 316 -4.69 46.33 -10.01
CA LYS B 316 -5.16 46.27 -11.39
C LYS B 316 -4.13 45.67 -12.34
N ASP B 317 -2.99 45.25 -11.81
CA ASP B 317 -1.94 44.66 -12.62
C ASP B 317 -2.32 43.25 -13.06
N VAL B 318 -2.97 42.51 -12.17
CA VAL B 318 -3.41 41.15 -12.46
C VAL B 318 -4.72 41.19 -13.24
N CYS B 319 -5.05 42.36 -13.77
CA CYS B 319 -6.28 42.54 -14.53
C CYS B 319 -6.04 42.83 -16.01
N ASP B 320 -4.78 42.82 -16.42
CA ASP B 320 -4.42 43.07 -17.81
C ASP B 320 -4.27 41.75 -18.55
N PRO B 321 -5.33 41.31 -19.27
CA PRO B 321 -5.32 40.04 -20.01
C PRO B 321 -4.08 39.83 -20.87
N GLY B 322 -3.53 40.93 -21.39
CA GLY B 322 -2.34 40.83 -22.23
C GLY B 322 -1.19 40.07 -21.63
N ASN B 323 -0.98 40.23 -20.32
CA ASN B 323 0.12 39.55 -19.64
C ASN B 323 -0.34 38.83 -18.37
N THR B 324 0.53 37.94 -17.88
CA THR B 324 0.25 37.17 -16.67
C THR B 324 1.45 37.31 -15.74
N LYS B 325 2.31 38.28 -16.06
CA LYS B 325 3.54 38.56 -15.32
C LYS B 325 3.39 38.64 -13.80
N VAL B 326 2.38 39.34 -13.32
CA VAL B 326 2.18 39.48 -11.87
C VAL B 326 1.75 38.15 -11.26
N MET B 327 0.95 37.38 -12.00
CA MET B 327 0.50 36.10 -11.51
C MET B 327 1.66 35.10 -11.52
N ASP B 328 2.43 35.10 -12.61
CA ASP B 328 3.58 34.22 -12.72
C ASP B 328 4.56 34.51 -11.62
N LYS B 329 4.85 35.79 -11.40
CA LYS B 329 5.79 36.18 -10.36
C LYS B 329 5.32 35.67 -9.01
N TYR B 330 4.03 35.83 -8.73
CA TYR B 330 3.50 35.37 -7.45
C TYR B 330 3.59 33.84 -7.32
N THR B 331 3.20 33.13 -8.37
CA THR B 331 3.27 31.67 -8.32
C THR B 331 4.72 31.28 -8.07
N PHE B 332 5.64 31.83 -8.85
CA PHE B 332 7.05 31.53 -8.68
C PHE B 332 7.52 31.82 -7.26
N GLU B 333 7.23 33.02 -6.77
CA GLU B 333 7.62 33.43 -5.42
C GLU B 333 7.06 32.51 -4.35
N LEU B 334 5.76 32.21 -4.48
CA LEU B 334 5.12 31.33 -3.52
C LEU B 334 5.70 29.93 -3.55
N SER B 335 5.94 29.44 -4.76
CA SER B 335 6.45 28.09 -4.96
C SER B 335 7.84 27.84 -4.46
N ARG B 336 8.75 28.79 -4.66
CA ARG B 336 10.11 28.57 -4.22
C ARG B 336 10.33 28.70 -2.73
N ARG B 337 9.33 29.18 -1.99
CA ARG B 337 9.52 29.33 -0.57
C ARG B 337 8.58 28.48 0.29
N THR B 338 7.64 27.78 -0.35
CA THR B 338 6.69 26.95 0.39
C THR B 338 6.96 25.45 0.25
N HIS B 339 7.32 24.80 1.35
CA HIS B 339 7.57 23.38 1.31
C HIS B 339 6.22 22.67 1.24
N LEU B 340 5.76 22.43 0.02
CA LEU B 340 4.47 21.79 -0.23
C LEU B 340 4.57 21.24 -1.66
N PRO B 341 4.04 20.03 -1.90
CA PRO B 341 4.15 19.51 -3.27
C PRO B 341 3.35 20.27 -4.32
N GLU B 342 3.80 20.17 -5.57
CA GLU B 342 3.15 20.85 -6.67
C GLU B 342 1.67 20.44 -6.86
N VAL B 343 1.30 19.18 -6.62
CA VAL B 343 -0.12 18.85 -6.80
C VAL B 343 -0.98 19.68 -5.87
N PHE B 344 -0.48 19.97 -4.66
CA PHE B 344 -1.25 20.80 -3.74
C PHE B 344 -1.24 22.24 -4.23
N LEU B 345 -0.04 22.76 -4.53
CA LEU B 345 0.09 24.12 -5.00
C LEU B 345 -0.76 24.43 -6.23
N SER B 346 -0.65 23.61 -7.27
CA SER B 346 -1.47 23.81 -8.47
C SER B 346 -2.96 23.80 -8.16
N LYS B 347 -3.35 22.99 -7.17
CA LYS B 347 -4.74 22.87 -6.77
C LYS B 347 -5.30 24.14 -6.12
N VAL B 348 -4.58 24.68 -5.14
CA VAL B 348 -5.04 25.88 -4.43
C VAL B 348 -4.80 27.18 -5.21
N LEU B 349 -3.82 27.18 -6.11
CA LEU B 349 -3.55 28.39 -6.88
C LEU B 349 -4.57 28.71 -7.95
N GLU B 350 -5.20 27.68 -8.52
CA GLU B 350 -6.20 27.91 -9.56
C GLU B 350 -7.35 28.79 -9.04
N PRO B 351 -8.08 28.33 -8.00
CA PRO B 351 -9.17 29.15 -7.49
C PRO B 351 -8.69 30.42 -6.80
N THR B 352 -7.50 30.36 -6.22
CA THR B 352 -6.95 31.53 -5.55
C THR B 352 -6.75 32.67 -6.52
N LEU B 353 -6.01 32.41 -7.61
CA LEU B 353 -5.77 33.44 -8.61
C LEU B 353 -7.08 33.88 -9.26
N LYS B 354 -7.97 32.92 -9.49
CA LYS B 354 -9.25 33.20 -10.11
C LYS B 354 -10.09 34.18 -9.27
N SER B 355 -10.21 33.87 -7.98
CA SER B 355 -10.97 34.69 -7.04
C SER B 355 -10.48 36.14 -7.01
N LEU B 356 -9.23 36.36 -7.40
CA LEU B 356 -8.67 37.70 -7.43
C LEU B 356 -9.07 38.39 -8.73
N GLY B 357 -9.32 37.59 -9.75
CA GLY B 357 -9.70 38.14 -11.05
C GLY B 357 -11.16 38.56 -11.09
N GLU B 358 -11.89 38.22 -10.03
CA GLU B 358 -13.31 38.58 -9.94
C GLU B 358 -13.41 39.94 -9.28
N CYS B 359 -12.26 40.51 -8.96
CA CYS B 359 -12.16 41.82 -8.33
C CYS B 359 -11.73 42.85 -9.36
N CYS B 360 -11.56 42.41 -10.60
CA CYS B 360 -11.13 43.30 -11.67
C CYS B 360 -12.25 44.19 -12.19
N ASP B 361 -13.20 43.59 -12.90
CA ASP B 361 -14.33 44.34 -13.45
C ASP B 361 -15.48 44.37 -12.44
N VAL B 362 -15.40 45.26 -11.47
CA VAL B 362 -16.43 45.40 -10.43
C VAL B 362 -16.75 46.88 -10.16
N GLU B 363 -17.63 47.12 -9.20
CA GLU B 363 -18.02 48.49 -8.85
C GLU B 363 -16.78 49.35 -8.66
N ASP B 364 -15.81 48.82 -7.91
CA ASP B 364 -14.56 49.52 -7.67
C ASP B 364 -13.49 48.49 -7.29
N SER B 365 -12.37 48.51 -8.03
CA SER B 365 -11.28 47.57 -7.80
C SER B 365 -10.55 47.79 -6.48
N THR B 366 -10.05 49.01 -6.28
CA THR B 366 -9.31 49.34 -5.07
C THR B 366 -10.14 49.28 -3.78
N THR B 367 -11.17 48.43 -3.79
CA THR B 367 -12.05 48.25 -2.63
C THR B 367 -12.35 46.77 -2.49
N CYS B 368 -12.47 46.10 -3.63
CA CYS B 368 -12.76 44.68 -3.69
C CYS B 368 -11.58 43.87 -3.17
N PHE B 369 -10.39 44.22 -3.63
CA PHE B 369 -9.18 43.52 -3.21
C PHE B 369 -8.94 43.66 -1.70
N ASN B 370 -9.36 44.79 -1.14
CA ASN B 370 -9.19 45.02 0.30
C ASN B 370 -10.08 44.08 1.10
N ALA B 371 -11.34 44.00 0.71
CA ALA B 371 -12.30 43.14 1.40
C ALA B 371 -11.92 41.68 1.23
N LYS B 372 -11.55 41.29 0.02
CA LYS B 372 -11.19 39.92 -0.30
C LYS B 372 -9.81 39.52 0.21
N GLY B 373 -8.82 40.38 0.01
CA GLY B 373 -7.47 40.09 0.45
C GLY B 373 -7.35 39.25 1.71
N PRO B 374 -7.67 39.79 2.88
CA PRO B 374 -7.60 39.04 4.13
C PRO B 374 -8.34 37.71 4.10
N LEU B 375 -9.38 37.62 3.28
CA LEU B 375 -10.18 36.40 3.17
C LEU B 375 -9.44 35.21 2.57
N LEU B 376 -9.10 35.30 1.29
CA LEU B 376 -8.40 34.21 0.62
C LEU B 376 -7.00 34.01 1.18
N LYS B 377 -6.48 35.03 1.86
CA LYS B 377 -5.15 34.92 2.45
C LYS B 377 -5.26 33.92 3.59
N LYS B 378 -6.33 34.05 4.37
CA LYS B 378 -6.59 33.18 5.50
C LYS B 378 -6.88 31.77 4.97
N GLU B 379 -7.52 31.71 3.82
CA GLU B 379 -7.85 30.43 3.22
C GLU B 379 -6.58 29.74 2.72
N LEU B 380 -5.71 30.51 2.09
CA LEU B 380 -4.46 29.97 1.57
C LEU B 380 -3.59 29.35 2.65
N SER B 381 -3.32 30.10 3.71
CA SER B 381 -2.48 29.61 4.78
C SER B 381 -3.11 28.36 5.44
N SER B 382 -4.43 28.33 5.50
CA SER B 382 -5.12 27.18 6.09
C SER B 382 -4.89 25.95 5.23
N PHE B 383 -5.10 26.09 3.92
CA PHE B 383 -4.88 24.98 2.99
C PHE B 383 -3.43 24.53 3.05
N ILE B 384 -2.51 25.48 2.91
CA ILE B 384 -1.08 25.17 2.98
C ILE B 384 -0.70 24.46 4.28
N ASP B 385 -1.22 24.95 5.40
CA ASP B 385 -0.92 24.35 6.71
C ASP B 385 -1.45 22.92 6.79
N LYS B 386 -2.72 22.74 6.43
CA LYS B 386 -3.33 21.41 6.45
C LYS B 386 -2.56 20.53 5.47
N GLY B 387 -2.17 21.11 4.33
CA GLY B 387 -1.42 20.36 3.34
C GLY B 387 -0.09 19.89 3.92
N GLN B 388 0.55 20.79 4.67
CA GLN B 388 1.83 20.46 5.27
C GLN B 388 1.67 19.42 6.38
N GLU B 389 0.57 19.49 7.10
CA GLU B 389 0.33 18.51 8.15
C GLU B 389 0.14 17.13 7.50
N LEU B 390 -0.53 17.11 6.34
CA LEU B 390 -0.79 15.86 5.63
C LEU B 390 0.48 15.18 5.16
N CYS B 391 1.44 15.97 4.70
CA CYS B 391 2.71 15.44 4.20
C CYS B 391 3.87 15.51 5.20
N ALA B 392 3.58 15.88 6.44
CA ALA B 392 4.60 16.04 7.47
C ALA B 392 5.49 14.82 7.70
N ASP B 393 6.80 15.04 7.62
CA ASP B 393 7.82 14.00 7.83
C ASP B 393 8.02 13.01 6.71
N TYR B 394 7.21 13.12 5.66
CA TYR B 394 7.34 12.17 4.56
C TYR B 394 8.60 12.29 3.72
N SER B 395 8.99 13.51 3.38
CA SER B 395 10.17 13.73 2.55
C SER B 395 11.47 13.91 3.32
N GLU B 396 11.41 13.83 4.64
CA GLU B 396 12.61 14.00 5.46
C GLU B 396 13.10 12.70 6.06
N ASN B 397 12.25 11.68 6.02
CA ASN B 397 12.60 10.39 6.59
C ASN B 397 12.42 9.26 5.58
N THR B 398 12.75 8.06 6.02
CA THR B 398 12.59 6.86 5.20
C THR B 398 11.12 6.48 5.40
N PHE B 399 10.53 5.79 4.45
CA PHE B 399 9.12 5.42 4.58
C PHE B 399 8.86 4.73 5.93
N THR B 400 9.78 3.86 6.34
CA THR B 400 9.65 3.15 7.61
C THR B 400 9.73 4.12 8.80
N GLU B 401 10.72 5.00 8.76
CA GLU B 401 10.88 5.98 9.83
C GLU B 401 9.68 6.92 9.82
N TYR B 402 9.24 7.24 8.60
CA TYR B 402 8.09 8.11 8.40
C TYR B 402 6.86 7.58 9.13
N LYS B 403 6.56 6.29 8.94
CA LYS B 403 5.42 5.65 9.57
C LYS B 403 5.54 5.65 11.10
N LYS B 404 6.77 5.64 11.60
CA LYS B 404 6.99 5.63 13.03
C LYS B 404 6.61 6.99 13.61
N LYS B 405 7.14 8.06 13.02
CA LYS B 405 6.83 9.41 13.49
C LYS B 405 5.34 9.71 13.34
N LEU B 406 4.75 9.21 12.25
CA LEU B 406 3.32 9.44 11.99
C LEU B 406 2.45 8.85 13.11
N ALA B 407 2.82 7.66 13.56
CA ALA B 407 2.09 6.99 14.64
C ALA B 407 2.10 7.86 15.90
N GLU B 408 3.27 8.40 16.23
CA GLU B 408 3.40 9.26 17.41
C GLU B 408 2.47 10.46 17.27
N ARG B 409 2.59 11.16 16.14
CA ARG B 409 1.74 12.33 15.89
C ARG B 409 0.27 11.99 16.10
N LEU B 410 -0.16 10.87 15.52
CA LEU B 410 -1.56 10.47 15.63
C LEU B 410 -1.94 10.13 17.07
N LYS B 411 -1.04 9.45 17.78
CA LYS B 411 -1.31 9.08 19.17
C LYS B 411 -1.69 10.31 20.00
N ALA B 412 -1.03 11.43 19.72
CA ALA B 412 -1.29 12.67 20.45
C ALA B 412 -2.70 13.18 20.21
N LYS B 413 -3.22 12.98 19.00
CA LYS B 413 -4.56 13.45 18.68
C LYS B 413 -5.65 12.49 19.13
N LEU B 414 -5.33 11.20 19.13
CA LEU B 414 -6.29 10.18 19.55
C LEU B 414 -5.72 9.36 20.70
N PRO B 415 -5.67 9.94 21.90
CA PRO B 415 -5.13 9.23 23.06
C PRO B 415 -5.94 7.99 23.45
N ASP B 416 -7.23 7.98 23.12
CA ASP B 416 -8.10 6.85 23.46
C ASP B 416 -8.26 5.83 22.32
N ALA B 417 -7.67 6.12 21.17
CA ALA B 417 -7.76 5.22 20.03
C ALA B 417 -6.98 3.93 20.28
N THR B 418 -7.58 2.81 19.91
CA THR B 418 -6.97 1.50 20.09
C THR B 418 -5.83 1.30 19.09
N PRO B 419 -4.92 0.36 19.39
CA PRO B 419 -3.80 0.10 18.48
C PRO B 419 -4.30 -0.18 17.07
N THR B 420 -5.35 -0.98 16.97
CA THR B 420 -5.93 -1.32 15.67
C THR B 420 -6.36 -0.08 14.92
N GLU B 421 -7.20 0.74 15.58
CA GLU B 421 -7.70 1.97 14.98
C GLU B 421 -6.53 2.82 14.52
N LEU B 422 -5.58 3.03 15.42
CA LEU B 422 -4.39 3.81 15.12
C LEU B 422 -3.64 3.24 13.92
N ALA B 423 -3.60 1.91 13.81
CA ALA B 423 -2.90 1.29 12.70
C ALA B 423 -3.62 1.52 11.38
N LYS B 424 -4.94 1.62 11.43
CA LYS B 424 -5.74 1.86 10.22
C LYS B 424 -5.44 3.26 9.70
N LEU B 425 -5.44 4.23 10.62
CA LEU B 425 -5.18 5.62 10.28
C LEU B 425 -3.77 5.78 9.74
N VAL B 426 -2.80 5.10 10.35
CA VAL B 426 -1.42 5.18 9.90
C VAL B 426 -1.32 4.62 8.48
N ASN B 427 -1.98 3.50 8.23
CA ASN B 427 -1.95 2.90 6.90
C ASN B 427 -2.62 3.83 5.88
N LYS B 428 -3.81 4.33 6.22
CA LYS B 428 -4.52 5.24 5.31
C LYS B 428 -3.71 6.49 5.00
N ARG B 429 -3.19 7.13 6.05
CA ARG B 429 -2.41 8.35 5.92
C ARG B 429 -1.06 8.18 5.21
N SER B 430 -0.36 7.09 5.49
CA SER B 430 0.93 6.86 4.85
C SER B 430 0.69 6.54 3.37
N ASP B 431 -0.44 5.88 3.08
CA ASP B 431 -0.81 5.54 1.71
C ASP B 431 -1.03 6.84 0.90
N PHE B 432 -1.75 7.80 1.48
CA PHE B 432 -1.97 9.07 0.81
C PHE B 432 -0.65 9.78 0.55
N ALA B 433 0.21 9.80 1.55
CA ALA B 433 1.51 10.46 1.45
C ALA B 433 2.43 9.85 0.39
N SER B 434 2.44 8.52 0.29
CA SER B 434 3.30 7.87 -0.69
C SER B 434 2.86 8.14 -2.12
N ASN B 435 1.64 8.65 -2.29
CA ASN B 435 1.09 8.97 -3.60
C ASN B 435 1.03 10.46 -3.88
N CYS B 436 0.67 11.26 -2.88
CA CYS B 436 0.50 12.69 -3.11
C CYS B 436 1.42 13.69 -2.43
N CYS B 437 2.61 13.27 -2.01
CA CYS B 437 3.52 14.22 -1.35
C CYS B 437 4.85 14.32 -2.05
N SER B 438 4.86 13.99 -3.33
CA SER B 438 6.08 14.04 -4.14
C SER B 438 5.89 15.06 -5.25
N ILE B 439 7.00 15.56 -5.76
CA ILE B 439 6.97 16.56 -6.82
C ILE B 439 6.34 16.01 -8.09
N ASN B 440 6.37 14.69 -8.25
CA ASN B 440 5.76 14.09 -9.42
C ASN B 440 4.51 13.25 -9.16
N SER B 441 3.77 13.59 -8.12
CA SER B 441 2.55 12.85 -7.80
C SER B 441 1.52 12.94 -8.92
N PRO B 442 0.66 11.92 -9.07
CA PRO B 442 -0.36 11.90 -10.11
C PRO B 442 -1.43 12.96 -9.83
N PRO B 443 -1.61 13.92 -10.76
CA PRO B 443 -2.61 14.99 -10.60
C PRO B 443 -4.07 14.61 -10.44
N LEU B 444 -4.59 13.77 -11.35
CA LEU B 444 -6.00 13.38 -11.25
C LEU B 444 -6.29 12.62 -9.96
N TYR B 445 -5.45 11.64 -9.65
CA TYR B 445 -5.62 10.83 -8.44
C TYR B 445 -5.57 11.70 -7.18
N CYS B 446 -4.51 12.51 -7.08
CA CYS B 446 -4.33 13.36 -5.91
C CYS B 446 -5.32 14.51 -5.77
N ASP B 447 -5.83 15.02 -6.87
CA ASP B 447 -6.79 16.11 -6.76
C ASP B 447 -8.00 15.68 -5.92
N SER B 448 -8.58 14.52 -6.23
CA SER B 448 -9.72 14.05 -5.45
C SER B 448 -9.30 13.56 -4.06
N GLU B 449 -8.15 12.89 -3.97
CA GLU B 449 -7.68 12.41 -2.66
C GLU B 449 -7.42 13.59 -1.72
N ILE B 450 -6.82 14.66 -2.24
CA ILE B 450 -6.55 15.84 -1.42
C ILE B 450 -7.83 16.42 -0.84
N ASP B 451 -8.89 16.48 -1.64
CA ASP B 451 -10.15 17.02 -1.15
C ASP B 451 -10.60 16.25 0.09
N ALA B 452 -10.56 14.92 0.01
CA ALA B 452 -10.97 14.07 1.12
C ALA B 452 -10.11 14.33 2.37
N GLU B 453 -8.80 14.20 2.21
CA GLU B 453 -7.87 14.42 3.32
C GLU B 453 -7.98 15.79 3.97
N LEU B 454 -8.20 16.84 3.16
CA LEU B 454 -8.32 18.19 3.71
C LEU B 454 -9.41 18.31 4.76
N LYS B 455 -10.38 17.40 4.69
CA LYS B 455 -11.50 17.43 5.63
C LYS B 455 -11.30 16.54 6.86
N ASN B 456 -10.04 16.27 7.20
CA ASN B 456 -9.72 15.46 8.37
C ASN B 456 -8.92 16.26 9.39
C1 OLA C . -29.60 -15.01 12.10
O1 OLA C . -30.76 -15.29 11.92
O2 OLA C . -28.72 -15.98 12.51
C2 OLA C . -28.99 -13.63 11.95
C3 OLA C . -28.16 -13.49 10.64
C4 OLA C . -26.76 -12.86 10.87
C5 OLA C . -25.60 -13.87 10.84
C6 OLA C . -24.87 -14.01 12.19
C7 OLA C . -25.57 -14.95 13.19
C8 OLA C . -24.63 -15.90 13.95
C9 OLA C . -24.82 -17.34 13.50
C10 OLA C . -24.07 -18.07 12.63
C11 OLA C . -22.84 -17.64 11.89
C12 OLA C . -23.05 -17.63 10.39
C13 OLA C . -21.86 -17.19 9.58
C14 OLA C . -21.57 -15.69 9.59
C15 OLA C . -20.11 -15.39 9.94
C16 OLA C . -19.94 -14.24 10.96
C17 OLA C . -18.50 -14.08 11.46
C18 OLA C . -18.32 -12.83 12.34
C1 OLA D . -17.04 31.41 0.41
O1 OLA D . -17.66 32.22 1.06
O2 OLA D . -16.22 31.81 -0.62
C2 OLA D . -17.08 29.90 0.62
C3 OLA D . -15.80 29.36 1.32
C4 OLA D . -15.10 28.25 0.51
C5 OLA D . -14.00 28.77 -0.44
C6 OLA D . -14.19 28.33 -1.91
C7 OLA D . -14.02 29.48 -2.92
C8 OLA D . -12.73 29.43 -3.74
C9 OLA D . -11.83 30.61 -3.43
C10 OLA D . -10.54 30.62 -3.03
C11 OLA D . -9.61 29.45 -2.79
C12 OLA D . -9.56 29.05 -1.32
C13 OLA D . -8.57 27.94 -0.99
C14 OLA D . -9.12 26.51 -1.12
C15 OLA D . -8.63 25.81 -2.40
C16 OLA D . -9.64 24.78 -2.95
C17 OLA D . -8.97 23.61 -3.70
C18 OLA D . -9.90 22.94 -4.72
C1 OLA E . -3.84 15.53 -24.40
O1 OLA E . -2.67 15.68 -24.18
O2 OLA E . -4.37 14.27 -24.53
C2 OLA E . -4.86 16.66 -24.57
C3 OLA E . -5.09 17.49 -23.26
C4 OLA E . -6.47 17.27 -22.62
C5 OLA E . -6.87 18.37 -21.61
C6 OLA E . -8.23 18.12 -20.92
C7 OLA E . -8.18 18.34 -19.38
C8 OLA E . -9.26 19.30 -18.83
C9 OLA E . -8.61 20.44 -18.04
C10 OLA E . -8.92 21.76 -18.05
C11 OLA E . -9.98 22.48 -18.85
C12 OLA E . -9.67 23.95 -19.02
C13 OLA E . -10.09 24.54 -20.37
C14 OLA E . -11.53 25.07 -20.44
C15 OLA E . -11.58 26.60 -20.60
C16 OLA E . -12.99 27.15 -20.90
C17 OLA E . -13.36 28.41 -20.10
C18 OLA E . -13.03 29.71 -20.83
O1 VDY F . -20.53 3.49 -30.23
O2 VDY F . -10.31 2.15 -36.54
C1 VDY F . -16.76 3.38 -29.42
C2 VDY F . -18.30 3.39 -29.17
C3 VDY F . -19.11 3.69 -30.45
C4 VDY F . -18.68 2.80 -31.63
C5 VDY F . -17.18 2.89 -31.87
C6 VDY F . -16.69 3.33 -33.05
C7 VDY F . -15.37 3.85 -33.29
C8 VDY F . -14.63 3.80 -34.40
C9 VDY F . -15.03 3.16 -35.71
C10 VDY F . -16.37 2.54 -30.64
C11 VDY F . -14.78 4.08 -36.91
C12 VDY F . -13.34 4.68 -36.93
C13 VDY F . -12.94 5.40 -35.61
C14 VDY F . -13.20 4.39 -34.43
C15 VDY F . -12.63 5.15 -33.19
C16 VDY F . -11.45 5.95 -33.77
C17 VDY F . -11.40 5.60 -35.26
C18 VDY F . -13.79 6.71 -35.47
C19 VDY F . -15.44 1.60 -30.57
C20 VDY F . -10.43 6.58 -36.05
C21 VDY F . -10.89 8.02 -36.30
C22 VDY F . -10.01 5.92 -37.41
C23 VDY F . -9.06 4.73 -37.33
C24 VDY F . -9.48 3.59 -38.30
C25 VDY F . -9.59 2.14 -37.80
C26 VDY F . -10.37 1.26 -38.77
C27 VDY F . -8.20 1.54 -37.56
#